data_5M77
#
_entry.id   5M77
#
_cell.length_a   84.060
_cell.length_b   85.170
_cell.length_c   101.860
_cell.angle_alpha   90.00
_cell.angle_beta   90.00
_cell.angle_gamma   90.00
#
_symmetry.space_group_name_H-M   'P 21 21 21'
#
loop_
_entity.id
_entity.type
_entity.pdbx_description
1 polymer Alpha-1,6-mannanase
2 branched '1-thio-alpha-D-mannopyranose-(1-6)-[(3S,4R,5R)-4,5-dihydroxypiperidin-3-yl]methyl 1-thio-alpha-D-mannopyranoside'
3 non-polymer 1,2-ETHANEDIOL
4 water water
#
_entity_poly.entity_id   1
_entity_poly.type   'polypeptide(L)'
_entity_poly.pdbx_seq_one_letter_code
;MSLRSGQLFRFLAVPLAIALMLGSMPGIGTSKAYAYTASDGDTAMKAFNDTFWDPNAKMFWKDSKREKHQDFWVEAELWE
LVMDAYQHTSDPALKAELKTQIDDVYDGTVAKYGQDWTNNPFNDDIMWWAMGSARAYQITGNPRYLEAARDHFDFVYDTQ
WDEEFANGGIWWLNSDHNTKNACINFPAAQAALYLYDITKDEHYLNAATKIFRWGKTMLTDGNGKVFDRIEIEHGAVPDA
THYNQGTYIGSAVGLYKATGNAVYLDDAVKAAKFTKNHLVDSNGVLNYEGPNGDLKGGKTILMRNLAHLQKTLDETGQYP
EFSAEFDEWLAFNIEMAWSHQNSDHIVDGNWAGQLLSGTYESWSSAAAVQALNGIKPMEAELHYGVKNPFDKIEAERYNI
GSGFVLEGAFEGSLQLGGIQHGSYAAYKNVDFGSDGAIGFIARASSGTGGGNIEIRLDSKDGPKVGTLNVEGTGDWNQYI
DAVTLLKDDQGAPSTITGVHDVYLVFTKTNDDYLFNLNWVKFTTTDPTETDAYAKLKAGNYDSSEGLSKHAEFGYLDAIH
HNAYASYEGIDFGSINRRHLRAPWQHRGR
;
_entity_poly.pdbx_strand_id   A,B
#
loop_
_chem_comp.id
_chem_comp.type
_chem_comp.name
_chem_comp.formula
7K2 D-saccharide '[(3S,4R,5R)-4,5-dihydroxypiperidin-3-yl]methyl 1-thio-alpha-D-mannopyranoside' 'C12 H23 N O7 S'
7K3 D-saccharide, alpha linking 1-thio-alpha-D-mannopyranose 'C6 H12 O5 S'
EDO non-polymer 1,2-ETHANEDIOL 'C2 H6 O2'
#
# COMPACT_ATOMS: atom_id res chain seq x y z
N SER A 39 3.93 16.81 34.04
CA SER A 39 3.32 16.11 32.84
C SER A 39 3.66 16.91 31.58
N ASP A 40 4.34 16.29 30.60
CA ASP A 40 4.65 17.04 29.39
C ASP A 40 3.35 17.45 28.69
N GLY A 41 2.26 16.65 28.68
CA GLY A 41 1.01 17.06 27.95
C GLY A 41 0.38 18.25 28.61
N ASP A 42 0.50 18.39 29.95
CA ASP A 42 0.01 19.61 30.63
C ASP A 42 0.83 20.83 30.21
N THR A 43 2.16 20.70 30.26
CA THR A 43 3.04 21.84 29.90
C THR A 43 2.77 22.24 28.46
N ALA A 44 2.63 21.22 27.58
CA ALA A 44 2.43 21.50 26.15
C ALA A 44 1.11 22.23 25.91
N MET A 45 0.05 21.79 26.54
CA MET A 45 -1.25 22.47 26.42
C MET A 45 -1.23 23.88 26.99
N LYS A 46 -0.64 24.06 28.17
CA LYS A 46 -0.58 25.39 28.81
C LYS A 46 0.22 26.35 27.90
N ALA A 47 1.31 25.86 27.33
CA ALA A 47 2.13 26.70 26.41
C ALA A 47 1.34 27.07 25.14
N PHE A 48 0.64 26.09 24.60
CA PHE A 48 -0.20 26.35 23.43
C PHE A 48 -1.25 27.44 23.67
N ASN A 49 -1.95 27.31 24.79
CA ASN A 49 -2.94 28.28 25.17
C ASN A 49 -2.28 29.64 25.41
N ASP A 50 -1.15 29.66 26.10
CA ASP A 50 -0.50 30.92 26.39
C ASP A 50 -0.05 31.63 25.11
N THR A 51 0.29 30.86 24.08
CA THR A 51 0.74 31.42 22.83
C THR A 51 -0.38 31.79 21.85
N PHE A 52 -1.45 31.02 21.83
CA PHE A 52 -2.45 31.14 20.74
C PHE A 52 -3.88 31.41 21.21
N TRP A 53 -4.24 31.15 22.48
CA TRP A 53 -5.62 31.41 22.91
C TRP A 53 -5.90 32.91 23.06
N ASP A 54 -7.02 33.36 22.47
CA ASP A 54 -7.46 34.73 22.67
C ASP A 54 -8.66 34.71 23.66
N PRO A 55 -8.46 35.12 24.90
CA PRO A 55 -9.56 35.05 25.85
C PRO A 55 -10.65 36.11 25.66
N ASN A 56 -10.36 37.16 24.87
CA ASN A 56 -11.35 38.19 24.61
C ASN A 56 -12.34 37.71 23.53
N ALA A 57 -11.86 37.25 22.39
CA ALA A 57 -12.78 36.73 21.31
C ALA A 57 -13.22 35.28 21.61
N LYS A 58 -12.51 34.63 22.52
CA LYS A 58 -12.76 33.21 22.85
C LYS A 58 -12.56 32.33 21.59
N MET A 59 -11.43 32.58 20.91
CA MET A 59 -11.00 31.81 19.73
C MET A 59 -9.48 31.72 19.76
N PHE A 60 -8.94 30.71 19.12
CA PHE A 60 -7.52 30.62 18.86
C PHE A 60 -7.11 31.58 17.73
N TRP A 61 -5.97 32.22 17.96
CA TRP A 61 -5.29 32.92 16.88
C TRP A 61 -4.74 31.95 15.83
N LYS A 62 -4.66 32.38 14.58
CA LYS A 62 -4.10 31.57 13.53
C LYS A 62 -2.57 31.44 13.64
N ASP A 63 -1.94 32.50 14.13
CA ASP A 63 -0.51 32.43 14.38
C ASP A 63 -0.08 33.43 15.46
N SER A 64 1.21 33.42 15.79
CA SER A 64 1.73 34.23 16.88
C SER A 64 1.80 35.73 16.60
N LYS A 65 1.51 36.17 15.35
CA LYS A 65 1.30 37.60 15.11
C LYS A 65 -0.02 38.09 15.67
N ARG A 66 -0.96 37.18 15.92
CA ARG A 66 -2.21 37.51 16.60
C ARG A 66 -2.97 38.64 15.86
N GLU A 67 -3.14 38.41 14.54
CA GLU A 67 -3.81 39.36 13.66
C GLU A 67 -5.11 38.78 13.06
N LYS A 68 -5.28 37.46 13.12
CA LYS A 68 -6.39 36.80 12.47
C LYS A 68 -6.64 35.52 13.27
N HIS A 69 -7.92 35.25 13.56
CA HIS A 69 -8.30 34.03 14.24
C HIS A 69 -8.33 32.83 13.28
N GLN A 70 -8.35 31.66 13.91
CA GLN A 70 -8.24 30.41 13.21
C GLN A 70 -9.46 30.17 12.31
N ASP A 71 -9.21 29.48 11.17
CA ASP A 71 -10.28 29.11 10.22
C ASP A 71 -11.33 28.25 10.97
N PHE A 72 -12.60 28.38 10.54
CA PHE A 72 -13.70 27.68 11.18
C PHE A 72 -13.48 26.18 11.37
N TRP A 73 -13.12 25.46 10.30
CA TRP A 73 -13.05 24.00 10.47
C TRP A 73 -11.91 23.61 11.41
N VAL A 74 -10.79 24.32 11.27
CA VAL A 74 -9.65 24.02 12.14
C VAL A 74 -9.94 24.34 13.58
N GLU A 75 -10.76 25.35 13.83
CA GLU A 75 -11.16 25.69 15.22
C GLU A 75 -11.87 24.54 15.90
N ALA A 76 -12.64 23.74 15.16
CA ALA A 76 -13.24 22.51 15.75
C ALA A 76 -12.18 21.47 16.19
N GLU A 77 -11.07 21.45 15.44
CA GLU A 77 -9.99 20.52 15.72
C GLU A 77 -9.17 20.94 16.92
N LEU A 78 -9.03 22.24 17.08
CA LEU A 78 -8.42 22.80 18.31
C LEU A 78 -9.35 22.63 19.49
N TRP A 79 -10.66 22.75 19.27
CA TRP A 79 -11.66 22.48 20.29
C TRP A 79 -11.45 21.03 20.80
N GLU A 80 -11.37 20.07 19.89
CA GLU A 80 -11.11 18.69 20.29
C GLU A 80 -9.75 18.49 20.97
N LEU A 81 -8.73 19.31 20.63
CA LEU A 81 -7.46 19.23 21.35
C LEU A 81 -7.69 19.62 22.83
N VAL A 82 -8.44 20.68 23.08
CA VAL A 82 -8.80 21.10 24.45
C VAL A 82 -9.47 19.94 25.21
N MET A 83 -10.40 19.27 24.52
CA MET A 83 -11.12 18.14 25.09
C MET A 83 -10.19 16.98 25.40
N ASP A 84 -9.24 16.68 24.50
CA ASP A 84 -8.28 15.65 24.73
C ASP A 84 -7.35 15.96 25.92
N ALA A 85 -6.91 17.19 26.02
CA ALA A 85 -6.10 17.61 27.16
C ALA A 85 -6.91 17.49 28.49
N TYR A 86 -8.18 17.91 28.47
CA TYR A 86 -9.11 17.71 29.57
C TYR A 86 -9.19 16.27 30.04
N GLN A 87 -9.30 15.35 29.10
CA GLN A 87 -9.42 13.90 29.38
C GLN A 87 -8.10 13.34 29.83
N HIS A 88 -6.99 13.87 29.33
CA HIS A 88 -5.67 13.32 29.64
C HIS A 88 -5.07 13.74 31.01
N THR A 89 -5.32 14.99 31.42
CA THR A 89 -4.63 15.56 32.55
C THR A 89 -5.03 14.92 33.88
N SER A 90 -4.09 14.82 34.80
CA SER A 90 -4.45 14.46 36.20
C SER A 90 -4.33 15.65 37.18
N ASP A 91 -4.17 16.86 36.54
CA ASP A 91 -4.10 18.05 37.42
C ASP A 91 -5.51 18.63 37.58
N PRO A 92 -6.07 18.61 38.80
CA PRO A 92 -7.46 19.07 38.91
C PRO A 92 -7.68 20.54 38.55
N ALA A 93 -6.72 21.40 38.86
CA ALA A 93 -6.91 22.84 38.60
C ALA A 93 -6.91 23.09 37.08
N LEU A 94 -5.98 22.44 36.36
CA LEU A 94 -5.92 22.57 34.91
C LEU A 94 -7.15 21.94 34.27
N LYS A 95 -7.56 20.80 34.78
CA LYS A 95 -8.76 20.14 34.27
C LYS A 95 -9.99 21.04 34.31
N ALA A 96 -10.19 21.76 35.42
CA ALA A 96 -11.34 22.65 35.54
C ALA A 96 -11.21 23.81 34.57
N GLU A 97 -9.99 24.33 34.40
CA GLU A 97 -9.78 25.42 33.44
C GLU A 97 -10.05 25.00 32.01
N LEU A 98 -9.60 23.79 31.67
CA LEU A 98 -9.91 23.25 30.33
C LEU A 98 -11.42 22.98 30.12
N LYS A 99 -12.12 22.52 31.14
CA LYS A 99 -13.53 22.31 31.03
C LYS A 99 -14.26 23.60 30.74
N THR A 100 -13.91 24.68 31.42
CA THR A 100 -14.47 26.00 31.11
C THR A 100 -14.15 26.41 29.65
N GLN A 101 -12.91 26.12 29.25
CA GLN A 101 -12.46 26.46 27.92
C GLN A 101 -13.27 25.72 26.85
N ILE A 102 -13.72 24.49 27.13
CA ILE A 102 -14.60 23.81 26.19
C ILE A 102 -15.81 24.66 25.84
N ASP A 103 -16.43 25.26 26.86
CA ASP A 103 -17.59 26.07 26.61
C ASP A 103 -17.20 27.35 25.91
N ASP A 104 -16.09 27.94 26.33
CA ASP A 104 -15.69 29.25 25.76
C ASP A 104 -15.38 29.12 24.26
N VAL A 105 -14.76 28.03 23.85
CA VAL A 105 -14.47 27.86 22.40
C VAL A 105 -15.77 27.87 21.59
N TYR A 106 -16.76 27.12 22.08
CA TYR A 106 -18.08 27.17 21.42
C TYR A 106 -18.67 28.58 21.39
N ASP A 107 -18.68 29.24 22.53
CA ASP A 107 -19.22 30.62 22.61
C ASP A 107 -18.57 31.57 21.66
N GLY A 108 -17.21 31.51 21.56
CA GLY A 108 -16.53 32.46 20.69
C GLY A 108 -16.88 32.24 19.23
N THR A 109 -16.98 30.96 18.84
CA THR A 109 -17.30 30.65 17.48
C THR A 109 -18.77 31.05 17.17
N VAL A 110 -19.68 30.71 18.08
CA VAL A 110 -21.10 31.06 17.87
C VAL A 110 -21.33 32.57 17.80
N ALA A 111 -20.56 33.34 18.59
CA ALA A 111 -20.66 34.80 18.51
C ALA A 111 -20.37 35.33 17.10
N LYS A 112 -19.47 34.69 16.38
CA LYS A 112 -19.06 35.15 15.00
C LYS A 112 -19.85 34.45 13.91
N TYR A 113 -20.15 33.14 14.11
CA TYR A 113 -20.70 32.32 13.01
C TYR A 113 -22.16 31.90 13.21
N GLY A 114 -22.73 32.21 14.38
CA GLY A 114 -24.06 31.74 14.78
C GLY A 114 -24.07 30.29 15.27
N GLN A 115 -25.25 29.86 15.71
CA GLN A 115 -25.52 28.46 16.15
C GLN A 115 -25.90 27.51 15.05
N ASP A 116 -26.41 28.05 13.94
CA ASP A 116 -26.87 27.23 12.82
C ASP A 116 -25.82 27.34 11.72
N TRP A 117 -25.03 26.29 11.52
CA TRP A 117 -23.93 26.29 10.57
C TRP A 117 -24.34 25.81 9.19
N THR A 118 -25.64 25.58 8.97
CA THR A 118 -26.05 24.98 7.71
C THR A 118 -26.01 25.97 6.55
N ASN A 119 -25.71 27.26 6.80
CA ASN A 119 -25.41 28.24 5.76
C ASN A 119 -23.99 28.12 5.23
N ASN A 120 -23.17 27.31 5.87
CA ASN A 120 -21.81 27.08 5.40
C ASN A 120 -21.86 26.07 4.24
N PRO A 121 -21.31 26.43 3.06
CA PRO A 121 -21.45 25.54 1.90
C PRO A 121 -20.57 24.25 1.99
N PHE A 122 -19.66 24.18 2.98
CA PHE A 122 -18.76 23.06 3.15
C PHE A 122 -19.41 22.07 4.14
N ASN A 123 -19.78 20.90 3.66
CA ASN A 123 -20.34 19.85 4.54
C ASN A 123 -19.29 19.34 5.55
N ASP A 124 -18.03 19.33 5.13
CA ASP A 124 -16.93 18.93 6.06
C ASP A 124 -16.87 19.90 7.27
N ASP A 125 -16.92 21.20 7.00
CA ASP A 125 -16.88 22.17 8.09
C ASP A 125 -18.00 21.86 9.11
N ILE A 126 -19.19 21.64 8.59
CA ILE A 126 -20.36 21.36 9.42
C ILE A 126 -20.13 20.10 10.26
N MET A 127 -19.62 19.06 9.63
CA MET A 127 -19.42 17.77 10.29
C MET A 127 -18.30 17.80 11.31
N TRP A 128 -17.24 18.54 11.07
CA TRP A 128 -16.17 18.67 12.08
C TRP A 128 -16.77 19.28 13.39
N TRP A 129 -17.61 20.30 13.23
CA TRP A 129 -18.31 20.94 14.35
C TRP A 129 -19.38 20.03 15.01
N ALA A 130 -20.08 19.23 14.19
CA ALA A 130 -21.06 18.29 14.76
C ALA A 130 -20.33 17.25 15.62
N MET A 131 -19.20 16.74 15.13
CA MET A 131 -18.39 15.77 15.89
C MET A 131 -17.87 16.40 17.19
N GLY A 132 -17.27 17.61 17.09
CA GLY A 132 -16.84 18.26 18.29
C GLY A 132 -17.96 18.47 19.29
N SER A 133 -19.14 18.83 18.81
CA SER A 133 -20.30 19.09 19.66
C SER A 133 -20.73 17.83 20.39
N ALA A 134 -20.71 16.66 19.70
CA ALA A 134 -21.08 15.41 20.31
C ALA A 134 -20.10 15.15 21.47
N ARG A 135 -18.79 15.33 21.24
CA ARG A 135 -17.81 15.15 22.29
C ARG A 135 -18.03 16.13 23.45
N ALA A 136 -18.37 17.39 23.12
CA ALA A 136 -18.56 18.37 24.18
C ALA A 136 -19.79 17.99 25.05
N TYR A 137 -20.82 17.43 24.41
CA TYR A 137 -21.97 16.92 25.17
C TYR A 137 -21.51 15.84 26.15
N GLN A 138 -20.71 14.90 25.66
CA GLN A 138 -20.21 13.82 26.55
C GLN A 138 -19.51 14.30 27.75
N ILE A 139 -18.74 15.37 27.61
CA ILE A 139 -17.96 15.92 28.72
C ILE A 139 -18.82 16.79 29.63
N THR A 140 -19.70 17.63 29.06
CA THR A 140 -20.40 18.64 29.85
C THR A 140 -21.86 18.30 30.23
N GLY A 141 -22.57 17.53 29.42
CA GLY A 141 -23.99 17.29 29.61
C GLY A 141 -24.89 18.51 29.22
N ASN A 142 -24.30 19.53 28.59
CA ASN A 142 -25.07 20.74 28.26
C ASN A 142 -25.88 20.38 26.98
N PRO A 143 -27.23 20.38 27.06
CA PRO A 143 -28.02 20.01 25.88
C PRO A 143 -27.85 20.83 24.62
N ARG A 144 -27.33 22.05 24.72
CA ARG A 144 -27.06 22.81 23.50
C ARG A 144 -26.15 22.00 22.55
N TYR A 145 -25.22 21.21 23.14
CA TYR A 145 -24.25 20.49 22.36
C TYR A 145 -24.88 19.28 21.67
N LEU A 146 -25.78 18.60 22.39
CA LEU A 146 -26.52 17.46 21.77
C LEU A 146 -27.38 17.92 20.59
N GLU A 147 -28.09 19.06 20.76
CA GLU A 147 -28.91 19.64 19.70
C GLU A 147 -27.97 19.99 18.51
N ALA A 148 -26.85 20.68 18.78
CA ALA A 148 -25.93 21.05 17.70
C ALA A 148 -25.42 19.81 16.93
N ALA A 149 -25.02 18.77 17.66
CA ALA A 149 -24.45 17.58 17.04
C ALA A 149 -25.52 16.90 16.16
N ARG A 150 -26.67 16.61 16.78
CA ARG A 150 -27.73 15.90 16.11
C ARG A 150 -28.31 16.66 14.91
N ASP A 151 -28.62 17.94 15.12
CA ASP A 151 -29.25 18.72 14.05
C ASP A 151 -28.30 18.87 12.84
N HIS A 152 -27.03 19.10 13.10
CA HIS A 152 -26.05 19.23 12.00
C HIS A 152 -25.71 17.91 11.35
N PHE A 153 -25.56 16.87 12.14
CA PHE A 153 -25.36 15.54 11.54
C PHE A 153 -26.54 15.19 10.61
N ASP A 154 -27.74 15.38 11.12
CA ASP A 154 -28.94 15.02 10.36
C ASP A 154 -29.05 15.82 9.06
N PHE A 155 -28.72 17.11 9.12
CA PHE A 155 -28.74 17.92 7.91
C PHE A 155 -27.82 17.31 6.87
N VAL A 156 -26.59 17.00 7.26
CA VAL A 156 -25.66 16.45 6.28
C VAL A 156 -26.03 15.05 5.81
N TYR A 157 -26.23 14.13 6.74
CA TYR A 157 -26.50 12.75 6.33
C TYR A 157 -27.81 12.64 5.59
N ASP A 158 -28.85 13.33 6.08
CA ASP A 158 -30.19 13.14 5.47
C ASP A 158 -30.29 13.81 4.09
N THR A 159 -29.54 14.86 3.83
CA THR A 159 -29.70 15.64 2.59
C THR A 159 -28.52 15.55 1.63
N GLN A 160 -27.34 15.14 2.14
CA GLN A 160 -26.13 15.17 1.35
C GLN A 160 -25.57 13.79 0.98
N TRP A 161 -26.20 12.71 1.47
CA TRP A 161 -25.86 11.37 1.02
C TRP A 161 -26.53 11.14 -0.34
N ASP A 162 -25.80 10.57 -1.29
CA ASP A 162 -26.33 10.21 -2.59
C ASP A 162 -25.87 8.87 -3.05
N GLU A 163 -26.79 8.09 -3.60
CA GLU A 163 -26.49 6.74 -4.12
C GLU A 163 -26.20 6.70 -5.63
N GLU A 164 -26.51 7.79 -6.35
CA GLU A 164 -26.42 7.72 -7.79
C GLU A 164 -25.00 7.82 -8.32
N PHE A 165 -24.26 8.82 -7.87
CA PHE A 165 -22.84 8.97 -8.22
C PHE A 165 -22.02 8.08 -7.27
N ALA A 166 -21.28 7.16 -7.88
CA ALA A 166 -20.31 6.30 -7.14
C ALA A 166 -20.94 5.41 -6.09
N ASN A 167 -22.24 5.11 -6.26
CA ASN A 167 -22.92 4.11 -5.46
CA ASN A 167 -22.96 4.13 -5.43
C ASN A 167 -23.05 4.45 -3.96
N GLY A 168 -22.98 5.73 -3.63
CA GLY A 168 -23.04 6.14 -2.26
C GLY A 168 -22.17 7.36 -1.96
N GLY A 169 -22.08 7.69 -0.66
CA GLY A 169 -21.19 8.70 -0.20
C GLY A 169 -21.85 10.08 -0.03
N ILE A 170 -21.24 10.87 0.86
CA ILE A 170 -21.63 12.23 1.17
C ILE A 170 -20.84 13.25 0.31
N TRP A 171 -21.56 14.22 -0.30
CA TRP A 171 -20.97 15.27 -1.03
C TRP A 171 -20.07 16.15 -0.11
N TRP A 172 -18.96 16.65 -0.67
CA TRP A 172 -18.09 17.61 0.03
C TRP A 172 -18.81 18.92 0.34
N LEU A 173 -19.53 19.47 -0.65
CA LEU A 173 -20.22 20.72 -0.54
C LEU A 173 -21.74 20.55 -0.65
N ASN A 174 -22.47 21.44 0.00
CA ASN A 174 -23.88 21.52 -0.19
C ASN A 174 -24.28 22.54 -1.24
N SER A 175 -23.33 23.34 -1.71
CA SER A 175 -23.59 24.34 -2.77
C SER A 175 -23.49 23.80 -4.19
N ASP A 176 -22.64 22.79 -4.41
CA ASP A 176 -22.37 22.23 -5.72
C ASP A 176 -22.06 20.78 -5.40
N HIS A 177 -22.61 19.88 -6.17
CA HIS A 177 -22.44 18.43 -6.03
C HIS A 177 -21.54 17.85 -7.05
N ASN A 178 -20.20 17.98 -6.81
CA ASN A 178 -19.19 17.62 -7.79
C ASN A 178 -18.15 16.57 -7.27
N THR A 179 -18.06 16.38 -5.97
CA THR A 179 -17.06 15.49 -5.39
C THR A 179 -17.52 14.95 -4.03
N LYS A 180 -17.07 13.73 -3.74
CA LYS A 180 -17.34 13.09 -2.43
C LYS A 180 -15.95 12.75 -1.83
N ASN A 181 -15.72 13.21 -0.61
CA ASN A 181 -14.35 13.33 -0.11
C ASN A 181 -14.16 12.56 1.21
N ALA A 182 -12.92 12.08 1.41
CA ALA A 182 -12.58 11.42 2.68
C ALA A 182 -12.84 12.36 3.88
N CYS A 183 -12.55 13.66 3.71
CA CYS A 183 -12.62 14.62 4.75
C CYS A 183 -14.01 14.97 5.25
N ILE A 184 -15.07 14.54 4.52
CA ILE A 184 -16.44 14.56 5.07
C ILE A 184 -16.89 13.17 5.41
N ASN A 185 -16.60 12.15 4.59
CA ASN A 185 -17.18 10.80 4.83
C ASN A 185 -16.67 10.10 6.10
N PHE A 186 -15.34 10.10 6.31
CA PHE A 186 -14.84 9.44 7.54
C PHE A 186 -15.23 10.22 8.81
N PRO A 187 -15.10 11.55 8.81
CA PRO A 187 -15.58 12.31 9.98
C PRO A 187 -17.07 12.10 10.25
N ALA A 188 -17.88 11.91 9.16
CA ALA A 188 -19.28 11.63 9.39
C ALA A 188 -19.51 10.27 10.08
N ALA A 189 -18.75 9.26 9.66
CA ALA A 189 -18.83 7.98 10.35
C ALA A 189 -18.46 8.19 11.84
N GLN A 190 -17.40 8.94 12.09
CA GLN A 190 -17.03 9.22 13.47
C GLN A 190 -18.10 9.94 14.29
N ALA A 191 -18.69 10.95 13.71
CA ALA A 191 -19.77 11.70 14.36
C ALA A 191 -20.94 10.75 14.66
N ALA A 192 -21.26 9.88 13.70
CA ALA A 192 -22.31 8.91 13.95
C ALA A 192 -21.98 7.96 15.10
N LEU A 193 -20.72 7.55 15.18
CA LEU A 193 -20.29 6.67 16.31
C LEU A 193 -20.42 7.39 17.63
N TYR A 194 -20.06 8.67 17.71
CA TYR A 194 -20.24 9.39 18.99
C TYR A 194 -21.73 9.52 19.34
N LEU A 195 -22.54 9.83 18.33
CA LEU A 195 -23.97 9.92 18.55
C LEU A 195 -24.56 8.59 18.96
N TYR A 196 -24.09 7.48 18.37
CA TYR A 196 -24.52 6.16 18.81
C TYR A 196 -24.16 5.91 20.27
N ASP A 197 -22.97 6.27 20.65
CA ASP A 197 -22.55 6.11 22.06
C ASP A 197 -23.41 6.92 23.02
N ILE A 198 -23.76 8.15 22.65
CA ILE A 198 -24.64 9.01 23.45
C ILE A 198 -26.07 8.42 23.54
N THR A 199 -26.67 8.10 22.38
CA THR A 199 -28.08 7.85 22.32
C THR A 199 -28.45 6.37 22.38
N LYS A 200 -27.52 5.53 21.93
CA LYS A 200 -27.76 4.06 21.70
C LYS A 200 -28.86 3.82 20.64
N ASP A 201 -29.08 4.81 19.79
CA ASP A 201 -30.05 4.71 18.72
C ASP A 201 -29.38 4.04 17.54
N GLU A 202 -29.91 2.91 17.14
CA GLU A 202 -29.41 2.10 16.03
C GLU A 202 -29.24 2.92 14.74
N HIS A 203 -30.08 3.93 14.57
CA HIS A 203 -29.96 4.81 13.43
C HIS A 203 -28.50 5.24 13.19
N TYR A 204 -27.83 5.60 14.27
CA TYR A 204 -26.48 6.14 14.18
C TYR A 204 -25.43 5.07 13.89
N LEU A 205 -25.61 3.90 14.50
CA LEU A 205 -24.72 2.78 14.20
C LEU A 205 -24.85 2.34 12.71
N ASN A 206 -26.12 2.29 12.25
CA ASN A 206 -26.38 1.94 10.88
C ASN A 206 -25.76 2.95 9.91
N ALA A 207 -25.87 4.24 10.26
CA ALA A 207 -25.24 5.27 9.47
C ALA A 207 -23.71 5.10 9.38
N ALA A 208 -23.08 4.93 10.57
CA ALA A 208 -21.66 4.70 10.58
C ALA A 208 -21.20 3.51 9.75
N THR A 209 -21.95 2.41 9.84
CA THR A 209 -21.63 1.19 9.12
C THR A 209 -21.69 1.42 7.59
N LYS A 210 -22.77 2.07 7.17
CA LYS A 210 -23.03 2.37 5.75
C LYS A 210 -22.02 3.33 5.16
N ILE A 211 -21.75 4.41 5.89
CA ILE A 211 -20.79 5.42 5.42
C ILE A 211 -19.39 4.77 5.32
N PHE A 212 -18.98 4.05 6.38
CA PHE A 212 -17.67 3.44 6.35
C PHE A 212 -17.50 2.36 5.26
N ARG A 213 -18.53 1.50 5.07
CA ARG A 213 -18.47 0.49 4.03
C ARG A 213 -18.27 1.16 2.65
N TRP A 214 -19.01 2.24 2.41
CA TRP A 214 -18.86 2.95 1.18
C TRP A 214 -17.45 3.53 1.03
N GLY A 215 -17.00 4.17 2.10
CA GLY A 215 -15.67 4.80 2.06
C GLY A 215 -14.52 3.83 1.89
N LYS A 216 -14.61 2.70 2.57
CA LYS A 216 -13.58 1.71 2.43
C LYS A 216 -13.50 1.18 0.99
N THR A 217 -14.70 1.00 0.39
CA THR A 217 -14.79 0.45 -0.96
C THR A 217 -14.33 1.46 -2.02
N MET A 218 -14.74 2.71 -1.89
CA MET A 218 -14.57 3.70 -2.94
CA MET A 218 -14.58 3.71 -2.94
C MET A 218 -13.45 4.68 -2.71
N LEU A 219 -13.05 4.89 -1.45
CA LEU A 219 -12.04 5.85 -1.10
C LEU A 219 -10.81 5.18 -0.46
N THR A 220 -10.63 3.89 -0.63
CA THR A 220 -9.34 3.26 -0.26
C THR A 220 -8.99 2.21 -1.30
N ASP A 221 -7.75 1.71 -1.18
CA ASP A 221 -7.28 0.64 -2.04
C ASP A 221 -7.54 -0.77 -1.41
N GLY A 222 -8.18 -0.82 -0.26
CA GLY A 222 -8.38 -2.07 0.43
C GLY A 222 -7.19 -2.54 1.29
N ASN A 223 -6.07 -1.87 1.18
CA ASN A 223 -4.87 -2.19 1.93
C ASN A 223 -4.35 -1.00 2.71
N GLY A 224 -5.24 -0.12 3.08
CA GLY A 224 -4.94 0.97 4.00
C GLY A 224 -4.57 2.32 3.44
N LYS A 225 -4.46 2.45 2.11
CA LYS A 225 -4.25 3.73 1.48
C LYS A 225 -5.61 4.45 1.31
N VAL A 226 -5.76 5.61 1.91
CA VAL A 226 -7.02 6.35 1.83
C VAL A 226 -6.89 7.46 0.79
N PHE A 227 -7.83 7.48 -0.16
CA PHE A 227 -7.86 8.43 -1.23
C PHE A 227 -8.55 9.72 -0.82
N ASP A 228 -8.09 10.85 -1.40
CA ASP A 228 -8.63 12.12 -1.01
C ASP A 228 -10.12 12.26 -1.33
N ARG A 229 -10.51 11.82 -2.53
CA ARG A 229 -11.87 12.12 -2.99
C ARG A 229 -12.15 11.29 -4.27
N ILE A 230 -13.44 11.30 -4.67
CA ILE A 230 -13.90 10.76 -5.93
C ILE A 230 -14.70 11.92 -6.59
N GLU A 231 -14.25 12.34 -7.79
CA GLU A 231 -14.81 13.51 -8.45
C GLU A 231 -15.68 13.05 -9.63
N ILE A 232 -16.82 13.68 -9.75
CA ILE A 232 -17.68 13.35 -10.88
C ILE A 232 -16.99 13.74 -12.17
N GLU A 233 -17.15 12.88 -13.19
CA GLU A 233 -16.51 13.05 -14.48
C GLU A 233 -15.01 12.80 -14.47
N HIS A 234 -14.47 12.33 -13.37
CA HIS A 234 -13.05 11.99 -13.28
C HIS A 234 -12.78 10.65 -12.66
N GLY A 235 -13.31 10.43 -11.48
CA GLY A 235 -13.08 9.21 -10.71
C GLY A 235 -12.24 9.54 -9.45
N ALA A 236 -11.61 8.51 -8.96
CA ALA A 236 -10.85 8.64 -7.69
C ALA A 236 -9.62 9.51 -7.92
N VAL A 237 -9.27 10.26 -6.84
CA VAL A 237 -8.02 11.00 -6.80
C VAL A 237 -7.21 10.40 -5.65
N PRO A 238 -6.24 9.54 -5.96
CA PRO A 238 -5.61 8.70 -4.92
C PRO A 238 -4.46 9.39 -4.21
N ASP A 239 -4.70 10.60 -3.75
CA ASP A 239 -3.73 11.40 -3.00
C ASP A 239 -3.99 11.16 -1.50
N ALA A 240 -3.05 10.52 -0.83
CA ALA A 240 -3.20 10.25 0.62
C ALA A 240 -2.56 11.33 1.48
N THR A 241 -3.16 11.58 2.61
CA THR A 241 -2.70 12.57 3.56
C THR A 241 -2.92 12.10 4.99
N HIS A 242 -2.22 12.71 5.92
CA HIS A 242 -2.33 12.32 7.30
C HIS A 242 -3.73 12.38 7.88
N TYR A 243 -4.46 13.46 7.64
CA TYR A 243 -5.70 13.58 8.36
C TYR A 243 -6.79 12.59 7.86
N ASN A 244 -6.71 12.20 6.57
CA ASN A 244 -7.63 11.21 6.03
C ASN A 244 -7.26 9.78 6.47
N GLN A 245 -5.97 9.51 6.59
CA GLN A 245 -5.57 8.25 7.24
C GLN A 245 -6.16 8.23 8.67
N GLY A 246 -6.05 9.37 9.35
CA GLY A 246 -6.53 9.48 10.69
C GLY A 246 -8.01 9.20 10.94
N THR A 247 -8.86 9.88 10.18
CA THR A 247 -10.29 9.70 10.39
C THR A 247 -10.76 8.34 9.95
N TYR A 248 -10.13 7.79 8.94
CA TYR A 248 -10.39 6.37 8.55
C TYR A 248 -10.05 5.42 9.74
N ILE A 249 -8.88 5.63 10.33
CA ILE A 249 -8.46 4.75 11.46
C ILE A 249 -9.38 4.91 12.66
N GLY A 250 -9.75 6.13 12.98
CA GLY A 250 -10.65 6.36 14.13
C GLY A 250 -12.04 5.76 13.93
N SER A 251 -12.59 5.96 12.71
CA SER A 251 -13.89 5.39 12.42
C SER A 251 -13.79 3.86 12.47
N ALA A 252 -12.71 3.27 11.97
CA ALA A 252 -12.57 1.80 11.98
C ALA A 252 -12.48 1.27 13.43
N VAL A 253 -11.72 1.96 14.26
CA VAL A 253 -11.57 1.54 15.67
C VAL A 253 -12.91 1.66 16.39
N GLY A 254 -13.61 2.78 16.14
CA GLY A 254 -14.91 2.96 16.72
C GLY A 254 -15.93 1.89 16.31
N LEU A 255 -15.91 1.52 15.04
CA LEU A 255 -16.76 0.49 14.55
C LEU A 255 -16.43 -0.88 15.15
N TYR A 256 -15.15 -1.16 15.34
CA TYR A 256 -14.72 -2.38 16.00
C TYR A 256 -15.32 -2.45 17.40
N LYS A 257 -15.21 -1.36 18.13
CA LYS A 257 -15.74 -1.32 19.50
C LYS A 257 -17.29 -1.45 19.54
N ALA A 258 -17.98 -0.81 18.62
CA ALA A 258 -19.44 -0.85 18.61
C ALA A 258 -20.04 -2.13 18.07
N THR A 259 -19.33 -2.83 17.21
CA THR A 259 -19.90 -4.02 16.52
C THR A 259 -19.32 -5.33 16.92
N GLY A 260 -18.10 -5.32 17.46
CA GLY A 260 -17.37 -6.57 17.69
C GLY A 260 -16.88 -7.30 16.47
N ASN A 261 -16.87 -6.63 15.32
CA ASN A 261 -16.39 -7.24 14.08
C ASN A 261 -14.89 -6.95 13.94
N ALA A 262 -14.11 -8.01 14.03
CA ALA A 262 -12.61 -7.92 13.94
C ALA A 262 -12.05 -7.33 12.64
N VAL A 263 -12.84 -7.43 11.55
CA VAL A 263 -12.38 -6.86 10.30
C VAL A 263 -12.05 -5.37 10.47
N TYR A 264 -12.87 -4.67 11.27
CA TYR A 264 -12.63 -3.23 11.46
C TYR A 264 -11.30 -2.94 12.12
N LEU A 265 -10.88 -3.75 13.08
CA LEU A 265 -9.56 -3.56 13.65
C LEU A 265 -8.47 -3.81 12.65
N ASP A 266 -8.61 -4.86 11.85
CA ASP A 266 -7.68 -5.12 10.76
C ASP A 266 -7.58 -3.90 9.82
N ASP A 267 -8.74 -3.33 9.49
CA ASP A 267 -8.77 -2.18 8.56
C ASP A 267 -7.90 -1.04 9.16
N ALA A 268 -8.09 -0.79 10.46
CA ALA A 268 -7.37 0.26 11.13
C ALA A 268 -5.84 0.03 11.16
N VAL A 269 -5.46 -1.22 11.47
CA VAL A 269 -4.06 -1.58 11.44
C VAL A 269 -3.41 -1.38 10.06
N LYS A 270 -4.11 -1.77 8.98
CA LYS A 270 -3.54 -1.63 7.65
C LYS A 270 -3.31 -0.15 7.33
N ALA A 271 -4.29 0.72 7.74
CA ALA A 271 -4.13 2.13 7.45
C ALA A 271 -3.04 2.79 8.30
N ALA A 272 -2.84 2.29 9.54
CA ALA A 272 -1.72 2.77 10.32
C ALA A 272 -0.38 2.35 9.71
N LYS A 273 -0.27 1.10 9.27
CA LYS A 273 0.95 0.62 8.63
C LYS A 273 1.28 1.44 7.38
N PHE A 274 0.24 1.70 6.57
CA PHE A 274 0.47 2.50 5.39
C PHE A 274 1.04 3.88 5.75
N THR A 275 0.48 4.49 6.78
CA THR A 275 0.92 5.81 7.20
C THR A 275 2.39 5.79 7.61
N LYS A 276 2.73 4.80 8.44
CA LYS A 276 4.10 4.63 8.98
C LYS A 276 5.15 4.36 7.90
N ASN A 277 4.75 3.65 6.84
CA ASN A 277 5.70 3.27 5.80
C ASN A 277 5.76 4.25 4.62
N HIS A 278 4.66 4.97 4.38
CA HIS A 278 4.55 5.74 3.14
C HIS A 278 4.24 7.20 3.27
N LEU A 279 3.83 7.70 4.43
CA LEU A 279 3.61 9.13 4.63
C LEU A 279 4.66 9.71 5.63
N VAL A 280 5.89 9.26 5.42
CA VAL A 280 7.03 9.61 6.25
C VAL A 280 8.22 9.91 5.34
N ASP A 281 9.22 10.60 5.94
CA ASP A 281 10.50 10.84 5.26
C ASP A 281 11.41 9.58 5.40
N SER A 282 12.62 9.68 4.89
CA SER A 282 13.51 8.53 4.84
C SER A 282 13.96 8.03 6.24
N ASN A 283 13.75 8.84 7.29
CA ASN A 283 14.04 8.42 8.68
C ASN A 283 12.84 7.90 9.40
N GLY A 284 11.67 7.89 8.76
CA GLY A 284 10.45 7.47 9.44
C GLY A 284 9.72 8.58 10.18
N VAL A 285 10.16 9.85 10.05
CA VAL A 285 9.44 10.93 10.67
C VAL A 285 8.27 11.30 9.74
N LEU A 286 7.08 11.44 10.32
CA LEU A 286 5.91 11.89 9.56
C LEU A 286 6.21 13.12 8.73
N ASN A 287 5.69 13.11 7.50
CA ASN A 287 5.89 14.23 6.56
C ASN A 287 5.42 15.55 7.15
N TYR A 288 6.04 16.64 6.73
CA TYR A 288 5.43 18.01 6.89
C TYR A 288 4.64 18.23 5.62
N GLU A 289 3.33 18.30 5.72
CA GLU A 289 2.47 18.39 4.53
C GLU A 289 2.30 19.86 4.40
N GLY A 290 2.07 20.30 3.22
CA GLY A 290 2.39 21.82 3.04
C GLY A 290 2.87 22.00 1.66
N PRO A 291 2.70 23.16 1.05
CA PRO A 291 2.32 24.40 1.67
C PRO A 291 0.86 24.61 1.91
N ASN A 292 -0.01 23.72 1.42
CA ASN A 292 -1.45 23.88 1.65
C ASN A 292 -1.74 24.01 3.16
N GLY A 293 -2.41 25.08 3.51
CA GLY A 293 -2.63 25.44 4.92
C GLY A 293 -3.51 24.49 5.63
N ASP A 294 -4.49 23.90 4.92
CA ASP A 294 -5.32 22.88 5.56
C ASP A 294 -4.60 21.62 5.94
N LEU A 295 -3.63 21.20 5.14
CA LEU A 295 -2.84 19.98 5.44
C LEU A 295 -1.75 20.16 6.48
N LYS A 296 -1.26 21.38 6.65
CA LYS A 296 -0.05 21.61 7.48
C LYS A 296 -0.16 21.05 8.91
N GLY A 297 -1.37 21.14 9.47
CA GLY A 297 -1.66 20.69 10.81
C GLY A 297 -2.33 19.33 10.88
N GLY A 298 -2.40 18.59 9.74
CA GLY A 298 -3.10 17.34 9.70
C GLY A 298 -2.61 16.26 10.63
N LYS A 299 -1.33 16.30 10.96
CA LYS A 299 -0.78 15.39 11.97
C LYS A 299 -1.54 15.45 13.29
N THR A 300 -2.21 16.57 13.56
CA THR A 300 -3.05 16.72 14.76
C THR A 300 -4.13 15.65 14.78
N ILE A 301 -4.85 15.59 13.66
CA ILE A 301 -5.95 14.64 13.52
C ILE A 301 -5.40 13.21 13.47
N LEU A 302 -4.31 13.01 12.73
CA LEU A 302 -3.69 11.69 12.69
C LEU A 302 -3.34 11.19 14.13
N MET A 303 -2.66 12.06 14.94
CA MET A 303 -2.21 11.61 16.24
C MET A 303 -3.39 11.29 17.17
N ARG A 304 -4.46 12.12 17.07
CA ARG A 304 -5.65 11.90 17.86
C ARG A 304 -6.18 10.47 17.66
N ASN A 305 -6.20 10.08 16.38
CA ASN A 305 -6.79 8.79 16.05
C ASN A 305 -5.86 7.61 16.22
N LEU A 306 -4.56 7.82 16.00
CA LEU A 306 -3.56 6.80 16.33
C LEU A 306 -3.59 6.46 17.83
N ALA A 307 -3.88 7.43 18.69
CA ALA A 307 -4.02 7.15 20.12
C ALA A 307 -5.15 6.16 20.40
N HIS A 308 -6.26 6.32 19.68
CA HIS A 308 -7.35 5.36 19.78
C HIS A 308 -6.89 3.95 19.45
N LEU A 309 -6.19 3.82 18.33
CA LEU A 309 -5.72 2.50 17.91
C LEU A 309 -4.74 1.91 18.93
N GLN A 310 -3.81 2.75 19.40
CA GLN A 310 -2.85 2.26 20.39
C GLN A 310 -3.52 1.72 21.68
N LYS A 311 -4.50 2.47 22.16
CA LYS A 311 -5.28 2.06 23.32
C LYS A 311 -5.97 0.69 23.08
N THR A 312 -6.62 0.57 21.92
CA THR A 312 -7.31 -0.67 21.59
C THR A 312 -6.38 -1.85 21.46
N LEU A 313 -5.24 -1.65 20.81
CA LEU A 313 -4.24 -2.76 20.73
C LEU A 313 -3.73 -3.15 22.10
N ASP A 314 -3.51 -2.14 22.93
CA ASP A 314 -2.94 -2.43 24.30
C ASP A 314 -3.98 -3.22 25.17
N GLU A 315 -5.25 -2.78 25.04
CA GLU A 315 -6.37 -3.42 25.79
C GLU A 315 -6.73 -4.82 25.33
N THR A 316 -6.67 -5.06 24.05
CA THR A 316 -7.03 -6.37 23.49
C THR A 316 -5.89 -7.38 23.35
N GLY A 317 -4.64 -6.92 23.28
CA GLY A 317 -3.49 -7.76 22.96
C GLY A 317 -3.45 -8.32 21.54
N GLN A 318 -4.29 -7.77 20.65
CA GLN A 318 -4.26 -8.14 19.26
C GLN A 318 -3.08 -7.45 18.56
N TYR A 319 -2.64 -8.10 17.49
CA TYR A 319 -1.53 -7.64 16.63
C TYR A 319 -0.32 -7.26 17.47
N PRO A 320 0.17 -8.18 18.29
CA PRO A 320 1.23 -7.76 19.21
C PRO A 320 2.58 -7.35 18.50
N GLU A 321 2.91 -8.00 17.38
CA GLU A 321 4.10 -7.66 16.59
C GLU A 321 3.95 -6.24 16.10
N PHE A 322 2.85 -5.96 15.42
CA PHE A 322 2.64 -4.60 14.90
C PHE A 322 2.60 -3.58 16.06
N SER A 323 1.91 -3.93 17.14
CA SER A 323 1.76 -3.03 18.30
C SER A 323 3.13 -2.59 18.80
N ALA A 324 4.08 -3.52 18.90
CA ALA A 324 5.43 -3.16 19.34
C ALA A 324 6.12 -2.20 18.35
N GLU A 325 6.01 -2.51 17.03
CA GLU A 325 6.61 -1.67 15.97
C GLU A 325 6.00 -0.25 15.98
N PHE A 326 4.67 -0.23 16.12
CA PHE A 326 3.87 0.98 16.11
C PHE A 326 4.24 1.86 17.32
N ASP A 327 4.30 1.25 18.50
CA ASP A 327 4.69 1.99 19.74
C ASP A 327 6.10 2.64 19.60
N GLU A 328 7.05 1.88 19.04
CA GLU A 328 8.44 2.36 18.87
C GLU A 328 8.48 3.54 17.90
N TRP A 329 7.75 3.40 16.80
CA TRP A 329 7.69 4.44 15.80
C TRP A 329 6.98 5.74 16.30
N LEU A 330 5.89 5.57 17.04
CA LEU A 330 5.20 6.71 17.65
C LEU A 330 6.12 7.45 18.62
N ALA A 331 6.80 6.67 19.47
CA ALA A 331 7.66 7.30 20.45
C ALA A 331 8.80 8.08 19.78
N PHE A 332 9.39 7.46 18.76
CA PHE A 332 10.38 8.12 17.97
C PHE A 332 9.92 9.47 17.39
N ASN A 333 8.73 9.44 16.79
CA ASN A 333 8.21 10.66 16.21
C ASN A 333 7.98 11.77 17.26
N ILE A 334 7.40 11.37 18.39
CA ILE A 334 7.03 12.35 19.38
C ILE A 334 8.31 12.94 20.03
N GLU A 335 9.31 12.09 20.25
CA GLU A 335 10.60 12.59 20.76
C GLU A 335 11.30 13.50 19.80
N MET A 336 11.36 13.14 18.49
CA MET A 336 11.94 14.05 17.47
C MET A 336 11.25 15.40 17.55
N ALA A 337 9.93 15.39 17.48
CA ALA A 337 9.15 16.64 17.56
C ALA A 337 9.52 17.51 18.81
N TRP A 338 9.42 16.91 19.98
CA TRP A 338 9.69 17.64 21.23
C TRP A 338 11.16 18.06 21.47
N SER A 339 12.06 17.35 20.83
CA SER A 339 13.48 17.77 20.84
C SER A 339 13.69 19.08 20.08
N HIS A 340 12.67 19.51 19.32
CA HIS A 340 12.70 20.73 18.53
C HIS A 340 11.86 21.84 19.11
N GLN A 341 11.37 21.66 20.33
CA GLN A 341 10.59 22.73 20.98
C GLN A 341 11.47 23.93 21.21
N ASN A 342 10.85 25.09 21.17
CA ASN A 342 11.48 26.34 21.45
C ASN A 342 11.38 26.62 22.95
N SER A 343 11.96 27.75 23.38
CA SER A 343 12.02 28.07 24.80
C SER A 343 10.64 28.34 25.44
N ASP A 344 9.60 28.54 24.61
CA ASP A 344 8.24 28.72 25.08
C ASP A 344 7.44 27.38 25.07
N HIS A 345 8.12 26.28 24.79
CA HIS A 345 7.57 24.97 24.76
C HIS A 345 6.59 24.79 23.60
N ILE A 346 6.88 25.45 22.47
CA ILE A 346 6.10 25.33 21.23
C ILE A 346 6.92 24.54 20.22
N VAL A 347 6.28 23.62 19.50
CA VAL A 347 6.88 22.79 18.47
C VAL A 347 6.21 23.06 17.13
N ASP A 348 7.01 23.56 16.17
CA ASP A 348 6.50 23.75 14.81
C ASP A 348 6.19 22.40 14.18
N GLY A 349 5.24 22.40 13.24
CA GLY A 349 4.88 21.20 12.48
C GLY A 349 5.94 20.46 11.68
N ASN A 350 7.08 21.09 11.40
CA ASN A 350 8.17 20.40 10.75
C ASN A 350 8.95 19.65 11.82
N TRP A 351 8.43 18.47 12.17
CA TRP A 351 8.99 17.68 13.24
C TRP A 351 10.47 17.25 13.02
N ALA A 352 10.87 17.14 11.75
CA ALA A 352 12.25 16.80 11.42
C ALA A 352 13.27 17.96 11.57
N GLY A 353 12.75 19.18 11.85
CA GLY A 353 13.72 20.34 12.05
C GLY A 353 13.20 21.43 12.95
N GLY A 358 10.88 32.70 14.66
CA GLY A 358 9.93 33.50 13.86
C GLY A 358 8.46 33.32 14.23
N THR A 359 7.57 33.31 13.25
CA THR A 359 6.14 33.18 13.50
C THR A 359 5.74 31.68 13.53
N TYR A 360 5.06 31.28 14.56
CA TYR A 360 4.53 29.96 14.73
C TYR A 360 3.02 29.98 14.47
N GLU A 361 2.53 28.89 13.90
CA GLU A 361 1.11 28.81 13.53
C GLU A 361 0.42 27.83 14.41
N SER A 362 -0.81 28.13 14.79
CA SER A 362 -1.48 27.29 15.79
C SER A 362 -1.86 25.91 15.21
N TRP A 363 -2.21 25.83 13.91
CA TRP A 363 -2.59 24.52 13.39
C TRP A 363 -1.38 23.61 13.23
N SER A 364 -0.30 24.14 12.62
CA SER A 364 0.95 23.39 12.51
C SER A 364 1.50 22.94 13.93
N SER A 365 1.39 23.85 14.90
CA SER A 365 1.96 23.61 16.23
C SER A 365 1.09 22.74 17.14
N ALA A 366 -0.18 22.54 16.74
CA ALA A 366 -1.07 21.75 17.54
C ALA A 366 -0.69 20.29 17.55
N ALA A 367 -0.09 19.79 16.47
CA ALA A 367 0.14 18.33 16.38
C ALA A 367 1.01 17.76 17.53
N ALA A 368 2.04 18.52 17.91
CA ALA A 368 2.94 18.05 18.95
C ALA A 368 2.24 18.04 20.32
N VAL A 369 1.30 18.95 20.52
CA VAL A 369 0.53 19.03 21.75
C VAL A 369 -0.43 17.84 21.81
N GLN A 370 -1.14 17.61 20.68
CA GLN A 370 -2.03 16.48 20.62
C GLN A 370 -1.28 15.17 20.95
N ALA A 371 -0.07 15.03 20.41
CA ALA A 371 0.72 13.83 20.61
C ALA A 371 1.01 13.48 22.06
N LEU A 372 1.03 14.48 22.92
CA LEU A 372 1.25 14.28 24.34
C LEU A 372 -0.01 14.21 25.19
N ASN A 373 -1.16 14.33 24.53
CA ASN A 373 -2.48 14.31 25.18
C ASN A 373 -3.40 13.26 24.57
N GLY A 374 -2.83 12.13 24.17
CA GLY A 374 -3.66 11.13 23.48
C GLY A 374 -4.55 10.35 24.42
N ILE A 375 -5.77 9.99 23.93
CA ILE A 375 -6.79 9.18 24.72
C ILE A 375 -7.51 8.01 23.95
N SER B 39 22.42 0.06 -27.48
CA SER B 39 21.42 0.30 -26.43
C SER B 39 21.96 -0.02 -25.02
N ASP B 40 21.37 0.65 -24.05
CA ASP B 40 21.67 0.35 -22.68
C ASP B 40 21.39 -1.12 -22.34
N GLY B 41 20.30 -1.73 -22.86
CA GLY B 41 19.99 -3.12 -22.56
C GLY B 41 21.08 -4.09 -23.05
N ASP B 42 21.66 -3.74 -24.21
CA ASP B 42 22.78 -4.52 -24.77
C ASP B 42 24.02 -4.42 -23.86
N THR B 43 24.38 -3.20 -23.48
CA THR B 43 25.55 -3.00 -22.60
C THR B 43 25.34 -3.73 -21.28
N ALA B 44 24.13 -3.66 -20.74
CA ALA B 44 23.84 -4.28 -19.42
C ALA B 44 23.97 -5.81 -19.50
N MET B 45 23.43 -6.40 -20.56
CA MET B 45 23.52 -7.83 -20.76
C MET B 45 24.95 -8.29 -20.99
N LYS B 46 25.70 -7.55 -21.83
CA LYS B 46 27.10 -7.92 -22.09
C LYS B 46 27.90 -7.89 -20.81
N ALA B 47 27.69 -6.85 -20.02
CA ALA B 47 28.39 -6.70 -18.72
C ALA B 47 28.05 -7.84 -17.75
N PHE B 48 26.77 -8.19 -17.70
CA PHE B 48 26.31 -9.27 -16.85
C PHE B 48 26.99 -10.59 -17.19
N ASN B 49 27.00 -10.91 -18.48
CA ASN B 49 27.63 -12.12 -18.95
C ASN B 49 29.14 -12.07 -18.66
N ASP B 50 29.77 -10.94 -18.91
CA ASP B 50 31.21 -10.84 -18.70
C ASP B 50 31.55 -11.04 -17.22
N THR B 51 30.65 -10.65 -16.33
CA THR B 51 30.91 -10.80 -14.89
C THR B 51 30.52 -12.18 -14.33
N PHE B 52 29.46 -12.79 -14.83
CA PHE B 52 28.86 -13.92 -14.19
C PHE B 52 28.79 -15.22 -15.03
N TRP B 53 28.90 -15.12 -16.36
CA TRP B 53 28.76 -16.32 -17.19
C TRP B 53 29.99 -17.22 -17.12
N ASP B 54 29.77 -18.50 -16.86
CA ASP B 54 30.82 -19.52 -16.94
C ASP B 54 30.69 -20.29 -18.26
N PRO B 55 31.58 -20.05 -19.22
CA PRO B 55 31.41 -20.72 -20.53
C PRO B 55 31.83 -22.17 -20.53
N ASN B 56 32.56 -22.61 -19.48
CA ASN B 56 33.00 -24.00 -19.41
C ASN B 56 31.85 -24.87 -18.90
N ALA B 57 31.27 -24.47 -17.76
CA ALA B 57 30.10 -25.20 -17.17
C ALA B 57 28.82 -24.87 -17.86
N LYS B 58 28.82 -23.77 -18.57
CA LYS B 58 27.61 -23.26 -19.24
C LYS B 58 26.51 -22.98 -18.21
N MET B 59 26.91 -22.28 -17.16
CA MET B 59 26.01 -21.85 -16.06
C MET B 59 26.48 -20.48 -15.60
N PHE B 60 25.59 -19.73 -15.01
CA PHE B 60 25.97 -18.51 -14.31
C PHE B 60 26.55 -18.83 -12.91
N TRP B 61 27.61 -18.11 -12.61
CA TRP B 61 28.11 -18.07 -11.24
C TRP B 61 27.13 -17.31 -10.32
N LYS B 62 27.09 -17.69 -9.06
CA LYS B 62 26.25 -17.03 -8.06
C LYS B 62 26.73 -15.64 -7.70
N ASP B 63 28.05 -15.46 -7.73
CA ASP B 63 28.61 -14.15 -7.50
C ASP B 63 29.94 -13.99 -8.23
N SER B 64 30.47 -12.79 -8.17
CA SER B 64 31.64 -12.43 -8.97
C SER B 64 32.95 -13.04 -8.41
N LYS B 65 32.92 -13.72 -7.23
CA LYS B 65 34.06 -14.53 -6.84
C LYS B 65 34.22 -15.81 -7.65
N ARG B 66 33.16 -16.19 -8.34
CA ARG B 66 33.21 -17.34 -9.29
C ARG B 66 33.63 -18.64 -8.60
N GLU B 67 32.98 -18.89 -7.45
CA GLU B 67 33.22 -20.09 -6.67
C GLU B 67 32.07 -21.07 -6.60
N LYS B 68 30.84 -20.57 -6.79
CA LYS B 68 29.63 -21.44 -6.66
C LYS B 68 28.69 -21.02 -7.79
N HIS B 69 28.13 -22.01 -8.50
CA HIS B 69 27.13 -21.68 -9.51
C HIS B 69 25.77 -21.38 -8.92
N GLN B 70 24.95 -20.69 -9.75
CA GLN B 70 23.65 -20.20 -9.35
C GLN B 70 22.73 -21.38 -8.96
N ASP B 71 21.86 -21.14 -7.97
CA ASP B 71 20.87 -22.12 -7.54
C ASP B 71 19.99 -22.51 -8.77
N PHE B 72 19.51 -23.74 -8.77
CA PHE B 72 18.72 -24.27 -9.90
C PHE B 72 17.53 -23.40 -10.29
N TRP B 73 16.67 -23.00 -9.34
CA TRP B 73 15.49 -22.26 -9.77
C TRP B 73 15.85 -20.91 -10.31
N VAL B 74 16.82 -20.26 -9.71
CA VAL B 74 17.23 -18.93 -10.14
C VAL B 74 17.87 -19.00 -11.52
N GLU B 75 18.59 -20.11 -11.80
CA GLU B 75 19.18 -20.29 -13.12
C GLU B 75 18.12 -20.26 -14.25
N ALA B 76 16.91 -20.75 -13.98
CA ALA B 76 15.82 -20.59 -15.01
C ALA B 76 15.45 -19.15 -15.25
N GLU B 77 15.54 -18.33 -14.21
CA GLU B 77 15.18 -16.92 -14.31
C GLU B 77 16.23 -16.11 -15.05
N LEU B 78 17.51 -16.53 -14.85
CA LEU B 78 18.61 -15.98 -15.66
C LEU B 78 18.52 -16.47 -17.11
N TRP B 79 18.06 -17.69 -17.33
CA TRP B 79 17.79 -18.18 -18.68
C TRP B 79 16.75 -17.31 -19.39
N GLU B 80 15.69 -16.99 -18.69
CA GLU B 80 14.69 -16.07 -19.23
C GLU B 80 15.21 -14.66 -19.48
N LEU B 81 16.17 -14.19 -18.64
CA LEU B 81 16.79 -12.89 -18.88
C LEU B 81 17.53 -12.92 -20.21
N VAL B 82 18.29 -13.99 -20.49
CA VAL B 82 19.00 -14.09 -21.75
C VAL B 82 17.97 -14.05 -22.95
N MET B 83 16.83 -14.74 -22.75
CA MET B 83 15.77 -14.73 -23.78
C MET B 83 15.18 -13.35 -23.96
N ASP B 84 14.99 -12.59 -22.88
CA ASP B 84 14.44 -11.25 -23.00
C ASP B 84 15.42 -10.31 -23.71
N ALA B 85 16.71 -10.44 -23.39
CA ALA B 85 17.71 -9.66 -24.12
C ALA B 85 17.76 -10.01 -25.62
N TYR B 86 17.69 -11.32 -25.92
CA TYR B 86 17.54 -11.80 -27.28
C TYR B 86 16.38 -11.08 -28.03
N GLN B 87 15.22 -11.03 -27.40
CA GLN B 87 14.01 -10.43 -28.01
C GLN B 87 14.13 -8.90 -28.09
N HIS B 88 14.80 -8.31 -27.13
CA HIS B 88 14.93 -6.85 -27.06
C HIS B 88 15.95 -6.20 -28.04
N THR B 89 17.08 -6.84 -28.23
CA THR B 89 18.20 -6.23 -28.94
C THR B 89 17.91 -6.00 -30.41
N SER B 90 18.48 -4.90 -30.95
CA SER B 90 18.50 -4.68 -32.39
C SER B 90 19.83 -4.99 -33.09
N ASP B 91 20.77 -5.50 -32.25
CA ASP B 91 22.11 -5.74 -32.76
C ASP B 91 22.18 -7.19 -33.24
N PRO B 92 22.37 -7.41 -34.53
CA PRO B 92 22.27 -8.80 -34.99
C PRO B 92 23.36 -9.73 -34.47
N ALA B 93 24.56 -9.20 -34.25
CA ALA B 93 25.64 -10.07 -33.79
C ALA B 93 25.40 -10.50 -32.34
N LEU B 94 24.93 -9.59 -31.51
CA LEU B 94 24.60 -9.93 -30.12
C LEU B 94 23.39 -10.85 -30.07
N LYS B 95 22.40 -10.57 -30.90
CA LYS B 95 21.24 -11.46 -30.98
C LYS B 95 21.63 -12.92 -31.26
N ALA B 96 22.54 -13.15 -32.21
CA ALA B 96 22.94 -14.49 -32.54
C ALA B 96 23.73 -15.11 -31.39
N GLU B 97 24.54 -14.31 -30.72
CA GLU B 97 25.26 -14.82 -29.54
C GLU B 97 24.34 -15.21 -28.40
N LEU B 98 23.32 -14.38 -28.17
CA LEU B 98 22.34 -14.73 -27.14
C LEU B 98 21.50 -15.95 -27.50
N LYS B 99 21.16 -16.12 -28.77
CA LYS B 99 20.44 -17.29 -29.19
C LYS B 99 21.24 -18.56 -28.90
N THR B 100 22.54 -18.55 -29.20
CA THR B 100 23.37 -19.70 -28.87
C THR B 100 23.43 -19.93 -27.32
N GLN B 101 23.47 -18.84 -26.58
CA GLN B 101 23.50 -18.91 -25.14
C GLN B 101 22.22 -19.54 -24.58
N ILE B 102 21.07 -19.31 -25.24
CA ILE B 102 19.85 -19.99 -24.79
C ILE B 102 20.06 -21.50 -24.76
N ASP B 103 20.66 -22.06 -25.81
CA ASP B 103 20.92 -23.50 -25.85
C ASP B 103 21.95 -23.89 -24.78
N ASP B 104 22.97 -23.08 -24.65
CA ASP B 104 24.08 -23.40 -23.71
C ASP B 104 23.60 -23.45 -22.26
N VAL B 105 22.70 -22.55 -21.88
CA VAL B 105 22.21 -22.56 -20.51
C VAL B 105 21.52 -23.88 -20.21
N TYR B 106 20.65 -24.32 -21.13
CA TYR B 106 20.02 -25.62 -20.98
C TYR B 106 21.04 -26.76 -20.86
N ASP B 107 22.00 -26.78 -21.79
CA ASP B 107 23.04 -27.83 -21.80
C ASP B 107 23.80 -27.88 -20.47
N GLY B 108 24.16 -26.71 -19.93
CA GLY B 108 24.95 -26.73 -18.69
C GLY B 108 24.15 -27.25 -17.50
N THR B 109 22.87 -26.90 -17.45
CA THR B 109 22.02 -27.37 -16.39
C THR B 109 21.76 -28.87 -16.52
N VAL B 110 21.49 -29.34 -17.75
CA VAL B 110 21.29 -30.76 -17.96
C VAL B 110 22.53 -31.59 -17.61
N ALA B 111 23.71 -31.06 -17.93
CA ALA B 111 24.96 -31.77 -17.61
C ALA B 111 25.08 -32.01 -16.07
N LYS B 112 24.58 -31.06 -15.28
CA LYS B 112 24.67 -31.15 -13.81
C LYS B 112 23.48 -31.82 -13.15
N TYR B 113 22.27 -31.54 -13.69
CA TYR B 113 21.01 -31.93 -13.01
C TYR B 113 20.23 -33.02 -13.76
N GLY B 114 20.68 -33.43 -14.95
CA GLY B 114 19.93 -34.34 -15.82
C GLY B 114 18.83 -33.61 -16.63
N GLN B 115 18.19 -34.39 -17.53
CA GLN B 115 17.04 -33.93 -18.31
C GLN B 115 15.74 -34.03 -17.61
N ASP B 116 15.64 -34.95 -16.65
CA ASP B 116 14.39 -35.18 -15.94
C ASP B 116 14.53 -34.56 -14.54
N TRP B 117 13.82 -33.47 -14.32
CA TRP B 117 13.91 -32.69 -13.06
C TRP B 117 12.85 -33.14 -12.05
N THR B 118 12.07 -34.18 -12.36
CA THR B 118 10.98 -34.55 -11.50
C THR B 118 11.41 -35.21 -10.21
N ASN B 119 12.71 -35.51 -10.03
CA ASN B 119 13.29 -35.95 -8.78
CA ASN B 119 13.11 -36.01 -8.74
C ASN B 119 13.55 -34.80 -7.82
N ASN B 120 13.38 -33.55 -8.28
CA ASN B 120 13.52 -32.38 -7.40
C ASN B 120 12.24 -32.28 -6.55
N PRO B 121 12.36 -32.20 -5.23
CA PRO B 121 11.17 -32.13 -4.37
C PRO B 121 10.38 -30.82 -4.43
N PHE B 122 10.99 -29.78 -5.01
CA PHE B 122 10.34 -28.47 -5.13
C PHE B 122 9.56 -28.40 -6.46
N ASN B 123 8.25 -28.34 -6.38
CA ASN B 123 7.42 -28.17 -7.59
C ASN B 123 7.67 -26.84 -8.28
N ASP B 124 7.93 -25.80 -7.49
CA ASP B 124 8.29 -24.49 -8.06
C ASP B 124 9.51 -24.55 -8.94
N ASP B 125 10.58 -25.18 -8.44
CA ASP B 125 11.79 -25.34 -9.22
C ASP B 125 11.48 -25.94 -10.61
N ILE B 126 10.72 -27.01 -10.60
CA ILE B 126 10.39 -27.74 -11.81
C ILE B 126 9.61 -26.82 -12.76
N MET B 127 8.62 -26.09 -12.23
CA MET B 127 7.77 -25.25 -13.03
C MET B 127 8.52 -24.04 -13.61
N TRP B 128 9.47 -23.48 -12.87
CA TRP B 128 10.25 -22.35 -13.42
C TRP B 128 10.99 -22.83 -14.69
N TRP B 129 11.55 -24.03 -14.63
CA TRP B 129 12.22 -24.65 -15.75
C TRP B 129 11.27 -25.09 -16.91
N ALA B 130 10.08 -25.53 -16.57
CA ALA B 130 9.06 -25.85 -17.59
C ALA B 130 8.69 -24.57 -18.37
N MET B 131 8.49 -23.48 -17.64
CA MET B 131 8.16 -22.19 -18.27
C MET B 131 9.32 -21.71 -19.15
N GLY B 132 10.55 -21.76 -18.64
CA GLY B 132 11.67 -21.36 -19.44
C GLY B 132 11.80 -22.21 -20.72
N SER B 133 11.55 -23.50 -20.57
CA SER B 133 11.66 -24.43 -21.67
C SER B 133 10.62 -24.06 -22.80
N ALA B 134 9.40 -23.74 -22.37
CA ALA B 134 8.35 -23.35 -23.33
C ALA B 134 8.82 -22.14 -24.12
N ARG B 135 9.36 -21.13 -23.45
CA ARG B 135 9.90 -19.96 -24.10
C ARG B 135 11.04 -20.30 -25.03
N ALA B 136 11.92 -21.21 -24.60
CA ALA B 136 13.04 -21.57 -25.43
C ALA B 136 12.55 -22.25 -26.75
N TYR B 137 11.49 -23.04 -26.64
CA TYR B 137 10.87 -23.62 -27.85
C TYR B 137 10.38 -22.51 -28.78
N GLN B 138 9.69 -21.53 -28.22
CA GLN B 138 9.18 -20.43 -29.06
C GLN B 138 10.26 -19.71 -29.84
N ILE B 139 11.45 -19.57 -29.21
CA ILE B 139 12.53 -18.85 -29.83
C ILE B 139 13.31 -19.75 -30.81
N THR B 140 13.55 -21.01 -30.46
CA THR B 140 14.45 -21.85 -31.23
C THR B 140 13.78 -22.87 -32.19
N GLY B 141 12.57 -23.31 -31.85
CA GLY B 141 11.89 -24.38 -32.54
C GLY B 141 12.47 -25.78 -32.28
N ASN B 142 13.37 -25.89 -31.29
CA ASN B 142 14.04 -27.16 -31.06
C ASN B 142 13.05 -27.99 -30.23
N PRO B 143 12.62 -29.16 -30.76
CA PRO B 143 11.59 -29.95 -30.01
C PRO B 143 11.99 -30.47 -28.64
N ARG B 144 13.29 -30.53 -28.35
CA ARG B 144 13.68 -30.95 -27.00
C ARG B 144 13.02 -30.02 -25.95
N TYR B 145 12.84 -28.72 -26.32
CA TYR B 145 12.33 -27.75 -25.35
C TYR B 145 10.85 -27.94 -25.15
N LEU B 146 10.12 -28.23 -26.24
CA LEU B 146 8.70 -28.54 -26.07
C LEU B 146 8.46 -29.80 -25.23
N GLU B 147 9.26 -30.87 -25.45
CA GLU B 147 9.22 -32.10 -24.62
C GLU B 147 9.47 -31.74 -23.15
N ALA B 148 10.54 -30.96 -22.89
CA ALA B 148 10.88 -30.61 -21.51
C ALA B 148 9.73 -29.82 -20.86
N ALA B 149 9.17 -28.84 -21.59
CA ALA B 149 8.11 -28.00 -21.03
C ALA B 149 6.86 -28.83 -20.72
N ARG B 150 6.42 -29.59 -21.70
CA ARG B 150 5.21 -30.35 -21.61
C ARG B 150 5.33 -31.43 -20.52
N ASP B 151 6.43 -32.21 -20.54
CA ASP B 151 6.57 -33.31 -19.61
C ASP B 151 6.64 -32.81 -18.17
N HIS B 152 7.36 -31.70 -17.92
CA HIS B 152 7.46 -31.17 -16.58
C HIS B 152 6.21 -30.46 -16.11
N PHE B 153 5.58 -29.71 -17.00
CA PHE B 153 4.29 -29.10 -16.65
C PHE B 153 3.30 -30.21 -16.25
N ASP B 154 3.18 -31.21 -17.11
CA ASP B 154 2.22 -32.27 -16.90
C ASP B 154 2.47 -33.01 -15.59
N PHE B 155 3.73 -33.29 -15.28
CA PHE B 155 4.06 -33.92 -14.01
C PHE B 155 3.49 -33.11 -12.85
N VAL B 156 3.79 -31.82 -12.83
CA VAL B 156 3.35 -31.00 -11.70
C VAL B 156 1.81 -30.81 -11.66
N TYR B 157 1.23 -30.41 -12.79
CA TYR B 157 -0.21 -30.14 -12.80
C TYR B 157 -0.99 -31.42 -12.60
N ASP B 158 -0.62 -32.50 -13.28
CA ASP B 158 -1.43 -33.74 -13.22
C ASP B 158 -1.33 -34.42 -11.82
N THR B 159 -0.19 -34.28 -11.14
CA THR B 159 -0.01 -34.99 -9.89
C THR B 159 -0.05 -34.15 -8.60
N GLN B 160 0.18 -32.84 -8.75
CA GLN B 160 0.31 -31.94 -7.62
C GLN B 160 -0.80 -30.93 -7.42
N TRP B 161 -1.71 -30.81 -8.37
CA TRP B 161 -2.96 -30.08 -8.16
C TRP B 161 -3.84 -30.97 -7.29
N ASP B 162 -4.48 -30.36 -6.32
CA ASP B 162 -5.28 -31.06 -5.38
C ASP B 162 -6.52 -30.23 -4.99
N GLU B 163 -7.65 -30.90 -4.84
CA GLU B 163 -8.86 -30.25 -4.38
C GLU B 163 -9.29 -30.66 -2.98
N GLU B 164 -8.52 -31.50 -2.28
CA GLU B 164 -8.88 -31.90 -0.97
C GLU B 164 -8.58 -30.84 0.08
N PHE B 165 -7.63 -29.92 -0.20
CA PHE B 165 -7.23 -28.80 0.67
C PHE B 165 -7.35 -27.49 -0.08
N ALA B 166 -7.94 -26.52 0.57
CA ALA B 166 -7.98 -25.12 0.13
C ALA B 166 -8.74 -24.93 -1.17
N ASN B 167 -9.65 -25.85 -1.47
CA ASN B 167 -10.52 -25.72 -2.67
C ASN B 167 -9.83 -25.82 -3.99
N GLY B 168 -8.59 -26.30 -4.01
CA GLY B 168 -7.78 -26.29 -5.21
C GLY B 168 -6.34 -25.96 -4.94
N GLY B 169 -5.61 -25.75 -6.02
CA GLY B 169 -4.22 -25.29 -5.94
C GLY B 169 -3.21 -26.41 -5.99
N ILE B 170 -2.00 -26.01 -6.42
CA ILE B 170 -0.85 -26.89 -6.52
C ILE B 170 0.00 -26.79 -5.24
N TRP B 171 0.41 -27.96 -4.70
CA TRP B 171 1.34 -28.04 -3.60
C TRP B 171 2.70 -27.43 -3.98
N TRP B 172 3.36 -26.82 -3.00
CA TRP B 172 4.74 -26.31 -3.15
C TRP B 172 5.73 -27.42 -3.40
N LEU B 173 5.63 -28.50 -2.61
CA LEU B 173 6.56 -29.62 -2.66
C LEU B 173 5.86 -30.90 -3.12
N ASN B 174 6.60 -31.78 -3.77
CA ASN B 174 6.13 -33.10 -4.06
C ASN B 174 6.57 -34.12 -3.02
N SER B 175 7.44 -33.74 -2.10
CA SER B 175 7.88 -34.59 -1.00
C SER B 175 7.00 -34.55 0.24
N ASP B 176 6.35 -33.46 0.51
CA ASP B 176 5.53 -33.26 1.70
C ASP B 176 4.46 -32.28 1.27
N HIS B 177 3.23 -32.54 1.59
CA HIS B 177 2.10 -31.67 1.19
C HIS B 177 1.56 -30.87 2.38
N ASN B 178 2.22 -29.74 2.65
CA ASN B 178 1.92 -28.87 3.77
C ASN B 178 1.55 -27.42 3.43
N THR B 179 1.83 -26.99 2.20
CA THR B 179 1.56 -25.63 1.79
C THR B 179 1.34 -25.57 0.27
N LYS B 180 0.51 -24.57 -0.12
CA LYS B 180 0.27 -24.25 -1.53
C LYS B 180 0.66 -22.77 -1.69
N ASN B 181 1.51 -22.50 -2.69
CA ASN B 181 2.22 -21.23 -2.71
C ASN B 181 2.00 -20.46 -3.99
N ALA B 182 2.05 -19.13 -3.90
CA ALA B 182 2.04 -18.28 -5.11
C ALA B 182 3.16 -18.59 -6.06
N CYS B 183 4.35 -18.94 -5.54
CA CYS B 183 5.55 -19.14 -6.34
C CYS B 183 5.52 -20.43 -7.20
N ILE B 184 4.56 -21.34 -6.95
CA ILE B 184 4.31 -22.45 -7.87
C ILE B 184 3.00 -22.15 -8.66
N ASN B 185 1.95 -21.65 -8.01
CA ASN B 185 0.66 -21.52 -8.72
C ASN B 185 0.61 -20.50 -9.87
N PHE B 186 1.14 -19.29 -9.64
CA PHE B 186 1.11 -18.32 -10.72
C PHE B 186 2.08 -18.67 -11.86
N PRO B 187 3.31 -19.11 -11.53
CA PRO B 187 4.17 -19.59 -12.61
C PRO B 187 3.57 -20.77 -13.41
N ALA B 188 2.81 -21.64 -12.73
CA ALA B 188 2.13 -22.72 -13.46
C ALA B 188 1.09 -22.17 -14.44
N ALA B 189 0.31 -21.17 -14.02
CA ALA B 189 -0.60 -20.54 -14.95
C ALA B 189 0.17 -19.95 -16.14
N GLN B 190 1.31 -19.30 -15.88
CA GLN B 190 2.10 -18.76 -16.96
C GLN B 190 2.62 -19.81 -17.91
N ALA B 191 3.15 -20.92 -17.37
CA ALA B 191 3.65 -22.01 -18.18
C ALA B 191 2.52 -22.56 -19.05
N ALA B 192 1.34 -22.73 -18.45
CA ALA B 192 0.19 -23.19 -19.23
C ALA B 192 -0.15 -22.20 -20.40
N LEU B 193 -0.07 -20.91 -20.12
CA LEU B 193 -0.30 -19.91 -21.18
C LEU B 193 0.69 -19.99 -22.29
N TYR B 194 1.97 -20.20 -21.99
CA TYR B 194 2.96 -20.39 -23.06
C TYR B 194 2.68 -21.66 -23.87
N LEU B 195 2.36 -22.74 -23.15
CA LEU B 195 2.05 -24.00 -23.83
C LEU B 195 0.77 -23.87 -24.70
N TYR B 196 -0.22 -23.11 -24.21
CA TYR B 196 -1.38 -22.85 -25.05
C TYR B 196 -1.04 -22.06 -26.31
N ASP B 197 -0.19 -21.06 -26.15
CA ASP B 197 0.21 -20.27 -27.30
C ASP B 197 0.95 -21.15 -28.35
N ILE B 198 1.82 -22.04 -27.90
CA ILE B 198 2.55 -22.94 -28.78
C ILE B 198 1.63 -23.95 -29.48
N THR B 199 0.77 -24.63 -28.70
CA THR B 199 0.11 -25.81 -29.21
C THR B 199 -1.32 -25.49 -29.70
N LYS B 200 -1.91 -24.45 -29.12
CA LYS B 200 -3.34 -24.11 -29.24
C LYS B 200 -4.28 -25.24 -28.72
N ASP B 201 -3.76 -26.06 -27.81
CA ASP B 201 -4.51 -27.11 -27.19
C ASP B 201 -5.27 -26.53 -26.01
N GLU B 202 -6.60 -26.63 -26.08
CA GLU B 202 -7.48 -26.06 -25.06
C GLU B 202 -7.15 -26.57 -23.68
N HIS B 203 -6.60 -27.78 -23.57
CA HIS B 203 -6.23 -28.30 -22.26
C HIS B 203 -5.40 -27.26 -21.46
N TYR B 204 -4.50 -26.57 -22.14
CA TYR B 204 -3.61 -25.65 -21.45
C TYR B 204 -4.27 -24.34 -21.11
N LEU B 205 -5.16 -23.85 -21.97
CA LEU B 205 -5.95 -22.67 -21.62
C LEU B 205 -6.82 -22.94 -20.43
N ASN B 206 -7.46 -24.12 -20.46
CA ASN B 206 -8.34 -24.53 -19.35
C ASN B 206 -7.55 -24.63 -18.04
N ALA B 207 -6.32 -25.14 -18.15
CA ALA B 207 -5.47 -25.26 -16.93
C ALA B 207 -5.11 -23.86 -16.39
N ALA B 208 -4.70 -22.98 -17.30
CA ALA B 208 -4.34 -21.62 -16.88
C ALA B 208 -5.52 -20.91 -16.21
N THR B 209 -6.74 -21.08 -16.81
CA THR B 209 -7.96 -20.47 -16.31
C THR B 209 -8.27 -20.95 -14.90
N LYS B 210 -8.18 -22.27 -14.74
CA LYS B 210 -8.50 -22.93 -13.45
C LYS B 210 -7.50 -22.54 -12.35
N ILE B 211 -6.22 -22.54 -12.72
CA ILE B 211 -5.18 -22.22 -11.73
C ILE B 211 -5.32 -20.77 -11.30
N PHE B 212 -5.45 -19.88 -12.30
CA PHE B 212 -5.60 -18.46 -12.01
C PHE B 212 -6.86 -18.12 -11.17
N ARG B 213 -8.01 -18.70 -11.54
CA ARG B 213 -9.23 -18.45 -10.80
C ARG B 213 -9.05 -18.86 -9.31
N TRP B 214 -8.43 -20.00 -9.11
CA TRP B 214 -8.20 -20.48 -7.75
C TRP B 214 -7.22 -19.53 -7.02
N GLY B 215 -6.16 -19.14 -7.73
CA GLY B 215 -5.19 -18.25 -7.09
C GLY B 215 -5.71 -16.87 -6.76
N LYS B 216 -6.49 -16.30 -7.68
CA LYS B 216 -7.07 -15.02 -7.38
C LYS B 216 -8.00 -15.07 -6.15
N THR B 217 -8.77 -16.16 -6.04
CA THR B 217 -9.69 -16.32 -4.98
C THR B 217 -9.02 -16.63 -3.61
N MET B 218 -8.00 -17.48 -3.65
CA MET B 218 -7.40 -18.01 -2.41
CA MET B 218 -7.40 -18.06 -2.43
C MET B 218 -6.03 -17.48 -2.04
N LEU B 219 -5.29 -16.95 -3.03
CA LEU B 219 -3.97 -16.38 -2.78
C LEU B 219 -3.93 -14.86 -2.99
N THR B 220 -5.08 -14.20 -3.08
CA THR B 220 -5.10 -12.75 -3.10
C THR B 220 -6.28 -12.30 -2.23
N ASP B 221 -6.27 -11.01 -1.93
CA ASP B 221 -7.32 -10.36 -1.20
C ASP B 221 -8.39 -9.76 -2.09
N GLY B 222 -8.31 -9.98 -3.42
CA GLY B 222 -9.22 -9.34 -4.34
C GLY B 222 -8.95 -7.88 -4.69
N ASN B 223 -7.94 -7.30 -4.03
CA ASN B 223 -7.58 -5.91 -4.20
C ASN B 223 -6.16 -5.76 -4.72
N GLY B 224 -5.59 -6.86 -5.25
CA GLY B 224 -4.29 -6.82 -5.88
C GLY B 224 -3.10 -7.26 -5.03
N LYS B 225 -3.35 -7.57 -3.76
CA LYS B 225 -2.28 -8.10 -2.87
C LYS B 225 -2.23 -9.63 -3.00
N VAL B 226 -1.07 -10.13 -3.36
CA VAL B 226 -0.85 -11.57 -3.53
C VAL B 226 -0.19 -12.12 -2.26
N PHE B 227 -0.82 -13.13 -1.69
CA PHE B 227 -0.32 -13.80 -0.47
C PHE B 227 0.80 -14.77 -0.82
N ASP B 228 1.76 -14.96 0.08
CA ASP B 228 2.83 -15.88 -0.23
C ASP B 228 2.38 -17.32 -0.39
N ARG B 229 1.49 -17.76 0.51
CA ARG B 229 1.17 -19.17 0.57
C ARG B 229 -0.03 -19.38 1.52
N ILE B 230 -0.58 -20.62 1.48
CA ILE B 230 -1.53 -21.13 2.38
C ILE B 230 -0.92 -22.39 3.03
N GLU B 231 -0.87 -22.39 4.38
CA GLU B 231 -0.33 -23.49 5.14
C GLU B 231 -1.46 -24.29 5.77
N ILE B 232 -1.39 -25.61 5.60
CA ILE B 232 -2.39 -26.50 6.17
C ILE B 232 -2.52 -26.29 7.66
N GLU B 233 -3.77 -26.31 8.11
CA GLU B 233 -4.11 -26.10 9.52
C GLU B 233 -3.75 -24.75 10.04
N HIS B 234 -3.63 -23.80 9.11
CA HIS B 234 -3.24 -22.41 9.52
C HIS B 234 -4.02 -21.40 8.71
N GLY B 235 -3.88 -21.47 7.39
CA GLY B 235 -4.48 -20.49 6.51
C GLY B 235 -3.41 -19.71 5.74
N ALA B 236 -3.85 -18.65 5.13
CA ALA B 236 -3.00 -17.78 4.37
C ALA B 236 -1.97 -17.08 5.19
N VAL B 237 -0.77 -16.94 4.60
CA VAL B 237 0.32 -16.16 5.13
C VAL B 237 0.45 -14.93 4.20
N PRO B 238 -0.10 -13.78 4.65
CA PRO B 238 -0.33 -12.66 3.73
C PRO B 238 0.90 -11.75 3.55
N ASP B 239 2.03 -12.36 3.31
CA ASP B 239 3.31 -11.67 3.11
C ASP B 239 3.48 -11.50 1.59
N ALA B 240 3.39 -10.26 1.10
CA ALA B 240 3.52 -9.97 -0.33
C ALA B 240 4.97 -9.65 -0.69
N THR B 241 5.36 -10.04 -1.88
CA THR B 241 6.69 -9.85 -2.41
C THR B 241 6.65 -9.51 -3.89
N HIS B 242 7.73 -8.93 -4.36
CA HIS B 242 7.82 -8.53 -5.77
C HIS B 242 7.59 -9.67 -6.74
N TYR B 243 8.22 -10.84 -6.53
CA TYR B 243 8.11 -11.87 -7.55
C TYR B 243 6.72 -12.48 -7.67
N ASN B 244 5.98 -12.52 -6.57
CA ASN B 244 4.62 -13.05 -6.58
C ASN B 244 3.62 -12.02 -7.13
N GLN B 245 3.85 -10.75 -6.89
CA GLN B 245 3.09 -9.70 -7.61
C GLN B 245 3.34 -9.90 -9.11
N GLY B 246 4.61 -10.14 -9.47
CA GLY B 246 4.98 -10.23 -10.86
C GLY B 246 4.36 -11.39 -11.62
N THR B 247 4.42 -12.59 -11.07
CA THR B 247 3.84 -13.71 -11.80
C THR B 247 2.31 -13.67 -11.80
N TYR B 248 1.69 -13.11 -10.81
CA TYR B 248 0.25 -12.85 -10.83
C TYR B 248 -0.08 -11.88 -11.98
N ILE B 249 0.65 -10.78 -12.10
CA ILE B 249 0.39 -9.78 -13.15
C ILE B 249 0.63 -10.41 -14.51
N GLY B 250 1.71 -11.18 -14.69
CA GLY B 250 1.99 -11.81 -15.97
C GLY B 250 0.94 -12.80 -16.39
N SER B 251 0.53 -13.62 -15.46
CA SER B 251 -0.52 -14.62 -15.76
C SER B 251 -1.83 -13.86 -16.10
N ALA B 252 -2.14 -12.81 -15.41
CA ALA B 252 -3.38 -12.02 -15.69
C ALA B 252 -3.31 -11.41 -17.07
N VAL B 253 -2.19 -10.81 -17.40
CA VAL B 253 -2.03 -10.16 -18.74
C VAL B 253 -2.11 -11.26 -19.80
N GLY B 254 -1.47 -12.41 -19.57
CA GLY B 254 -1.56 -13.51 -20.50
C GLY B 254 -2.94 -14.00 -20.72
N LEU B 255 -3.71 -14.11 -19.65
CA LEU B 255 -5.12 -14.55 -19.79
C LEU B 255 -5.95 -13.50 -20.51
N TYR B 256 -5.70 -12.25 -20.29
CA TYR B 256 -6.37 -11.18 -21.04
C TYR B 256 -6.09 -11.37 -22.52
N LYS B 257 -4.85 -11.57 -22.92
CA LYS B 257 -4.51 -11.75 -24.32
C LYS B 257 -5.12 -13.02 -24.91
N ALA B 258 -5.16 -14.11 -24.15
CA ALA B 258 -5.68 -15.37 -24.68
C ALA B 258 -7.19 -15.38 -24.80
N THR B 259 -7.88 -14.66 -23.95
CA THR B 259 -9.35 -14.74 -23.84
C THR B 259 -10.09 -13.53 -24.29
N GLY B 260 -9.42 -12.38 -24.25
CA GLY B 260 -10.07 -11.10 -24.45
C GLY B 260 -10.95 -10.59 -23.32
N ASN B 261 -10.93 -11.26 -22.16
CA ASN B 261 -11.74 -10.90 -21.05
C ASN B 261 -11.07 -9.79 -20.26
N ALA B 262 -11.69 -8.60 -20.26
CA ALA B 262 -11.13 -7.42 -19.59
C ALA B 262 -10.96 -7.56 -18.09
N VAL B 263 -11.68 -8.48 -17.44
CA VAL B 263 -11.46 -8.64 -15.99
C VAL B 263 -10.01 -8.95 -15.70
N TYR B 264 -9.38 -9.74 -16.57
CA TYR B 264 -7.99 -10.12 -16.34
C TYR B 264 -7.06 -8.91 -16.40
N LEU B 265 -7.30 -7.98 -17.31
CA LEU B 265 -6.49 -6.78 -17.33
C LEU B 265 -6.72 -5.93 -16.08
N ASP B 266 -7.96 -5.83 -15.60
CA ASP B 266 -8.25 -5.12 -14.38
C ASP B 266 -7.50 -5.77 -13.20
N ASP B 267 -7.50 -7.10 -13.18
CA ASP B 267 -6.80 -7.85 -12.12
C ASP B 267 -5.33 -7.43 -12.08
N ALA B 268 -4.72 -7.38 -13.24
CA ALA B 268 -3.30 -7.02 -13.36
C ALA B 268 -3.04 -5.59 -12.89
N VAL B 269 -3.90 -4.64 -13.31
CA VAL B 269 -3.77 -3.27 -12.89
C VAL B 269 -3.85 -3.12 -11.34
N LYS B 270 -4.80 -3.83 -10.69
CA LYS B 270 -4.91 -3.73 -9.24
C LYS B 270 -3.59 -4.22 -8.57
N ALA B 271 -3.03 -5.29 -9.11
CA ALA B 271 -1.79 -5.82 -8.53
C ALA B 271 -0.57 -4.91 -8.78
N ALA B 272 -0.55 -4.24 -9.92
CA ALA B 272 0.50 -3.26 -10.18
C ALA B 272 0.38 -2.04 -9.27
N LYS B 273 -0.84 -1.56 -9.09
CA LYS B 273 -1.09 -0.42 -8.16
C LYS B 273 -0.65 -0.81 -6.76
N PHE B 274 -1.00 -2.02 -6.32
CA PHE B 274 -0.59 -2.46 -4.98
C PHE B 274 0.94 -2.41 -4.84
N THR B 275 1.64 -2.92 -5.86
CA THR B 275 3.08 -2.99 -5.81
C THR B 275 3.67 -1.56 -5.70
N LYS B 276 3.19 -0.63 -6.54
CA LYS B 276 3.70 0.74 -6.56
C LYS B 276 3.37 1.50 -5.27
N ASN B 277 2.23 1.22 -4.64
CA ASN B 277 1.84 1.94 -3.45
C ASN B 277 2.47 1.36 -2.16
N HIS B 278 2.68 0.07 -2.15
CA HIS B 278 3.07 -0.62 -0.89
C HIS B 278 4.45 -1.26 -0.85
N LEU B 279 4.99 -1.74 -1.97
CA LEU B 279 6.23 -2.52 -1.99
C LEU B 279 7.43 -1.65 -2.40
N VAL B 280 7.42 -0.45 -1.84
CA VAL B 280 8.40 0.60 -2.16
C VAL B 280 8.84 1.25 -0.82
N ASP B 281 9.98 1.93 -0.92
CA ASP B 281 10.49 2.75 0.20
C ASP B 281 9.86 4.14 0.18
N SER B 282 10.25 5.01 1.08
CA SER B 282 9.65 6.34 1.20
C SER B 282 9.83 7.26 -0.04
N ASN B 283 10.78 6.95 -0.91
CA ASN B 283 10.93 7.68 -2.18
C ASN B 283 10.18 7.07 -3.34
N GLY B 284 9.50 5.95 -3.11
CA GLY B 284 8.91 5.22 -4.22
C GLY B 284 9.81 4.26 -5.01
N VAL B 285 11.02 4.02 -4.49
CA VAL B 285 11.89 3.05 -5.13
C VAL B 285 11.46 1.68 -4.62
N LEU B 286 11.31 0.73 -5.53
CA LEU B 286 11.00 -0.64 -5.16
C LEU B 286 11.92 -1.14 -4.03
N ASN B 287 11.32 -1.85 -3.10
CA ASN B 287 12.06 -2.36 -1.94
C ASN B 287 13.25 -3.23 -2.37
N TYR B 288 14.29 -3.21 -1.52
CA TYR B 288 15.29 -4.26 -1.50
C TYR B 288 14.79 -5.34 -0.55
N GLU B 289 14.58 -6.53 -1.10
CA GLU B 289 13.92 -7.60 -0.34
C GLU B 289 14.90 -8.57 0.26
N GLY B 290 16.19 -8.30 0.12
CA GLY B 290 17.15 -9.04 0.96
C GLY B 290 16.90 -8.76 2.45
N PRO B 291 17.55 -9.49 3.34
CA PRO B 291 18.68 -10.38 3.04
C PRO B 291 18.32 -11.77 2.53
N ASN B 292 17.03 -12.15 2.55
CA ASN B 292 16.65 -13.47 2.04
C ASN B 292 17.19 -13.66 0.61
N GLY B 293 17.93 -14.76 0.40
CA GLY B 293 18.61 -14.91 -0.88
C GLY B 293 17.69 -15.16 -2.05
N ASP B 294 16.58 -15.83 -1.80
CA ASP B 294 15.61 -16.02 -2.86
C ASP B 294 14.89 -14.76 -3.29
N LEU B 295 14.59 -13.90 -2.33
CA LEU B 295 13.87 -12.64 -2.60
C LEU B 295 14.72 -11.55 -3.17
N LYS B 296 16.03 -11.57 -2.86
CA LYS B 296 16.84 -10.38 -3.15
C LYS B 296 16.83 -9.99 -4.64
N GLY B 297 16.74 -11.01 -5.51
CA GLY B 297 16.67 -10.77 -6.96
C GLY B 297 15.24 -10.73 -7.54
N GLY B 298 14.21 -10.74 -6.67
CA GLY B 298 12.83 -10.85 -7.17
C GLY B 298 12.38 -9.75 -8.06
N LYS B 299 12.96 -8.56 -7.95
CA LYS B 299 12.65 -7.48 -8.87
C LYS B 299 12.89 -7.89 -10.33
N THR B 300 13.71 -8.92 -10.58
CA THR B 300 13.94 -9.42 -11.93
C THR B 300 12.60 -9.91 -12.51
N ILE B 301 11.95 -10.76 -11.76
CA ILE B 301 10.67 -11.37 -12.17
C ILE B 301 9.59 -10.29 -12.21
N LEU B 302 9.58 -9.39 -11.23
CA LEU B 302 8.61 -8.30 -11.25
C LEU B 302 8.77 -7.47 -12.55
N MET B 303 10.01 -7.04 -12.88
CA MET B 303 10.19 -6.18 -14.00
C MET B 303 9.84 -6.87 -15.31
N ARG B 304 10.18 -8.16 -15.43
CA ARG B 304 9.81 -8.92 -16.61
C ARG B 304 8.29 -8.83 -16.87
N ASN B 305 7.51 -8.98 -15.81
CA ASN B 305 6.06 -9.00 -15.94
C ASN B 305 5.42 -7.63 -16.01
N LEU B 306 5.97 -6.64 -15.31
CA LEU B 306 5.51 -5.29 -15.46
C LEU B 306 5.70 -4.80 -16.91
N ALA B 307 6.72 -5.29 -17.61
CA ALA B 307 6.90 -4.91 -19.02
C ALA B 307 5.73 -5.39 -19.87
N HIS B 308 5.24 -6.57 -19.58
CA HIS B 308 4.04 -7.09 -20.30
C HIS B 308 2.87 -6.17 -20.08
N LEU B 309 2.62 -5.78 -18.81
CA LEU B 309 1.52 -4.88 -18.50
C LEU B 309 1.67 -3.55 -19.21
N GLN B 310 2.88 -3.00 -19.15
CA GLN B 310 3.15 -1.67 -19.78
C GLN B 310 2.86 -1.70 -21.26
N LYS B 311 3.30 -2.74 -21.92
CA LYS B 311 3.08 -2.90 -23.36
C LYS B 311 1.58 -2.99 -23.65
N THR B 312 0.88 -3.80 -22.89
CA THR B 312 -0.58 -3.92 -23.10
C THR B 312 -1.31 -2.60 -22.87
N LEU B 313 -0.98 -1.87 -21.82
CA LEU B 313 -1.61 -0.57 -21.61
C LEU B 313 -1.26 0.43 -22.72
N ASP B 314 -0.04 0.40 -23.18
CA ASP B 314 0.41 1.33 -24.25
C ASP B 314 -0.29 1.03 -25.60
N GLU B 315 -0.45 -0.28 -25.86
CA GLU B 315 -1.07 -0.74 -27.13
C GLU B 315 -2.56 -0.49 -27.18
N THR B 316 -3.22 -0.68 -26.05
CA THR B 316 -4.67 -0.55 -25.99
C THR B 316 -5.22 0.83 -25.64
N GLY B 317 -4.42 1.66 -24.94
CA GLY B 317 -4.86 2.91 -24.39
C GLY B 317 -5.83 2.83 -23.23
N GLN B 318 -5.95 1.63 -22.65
N GLN B 318 -5.96 1.64 -22.64
CA GLN B 318 -6.80 1.43 -21.49
CA GLN B 318 -6.81 1.47 -21.50
C GLN B 318 -6.04 1.96 -20.24
C GLN B 318 -6.05 2.00 -20.27
N TYR B 319 -6.85 2.31 -19.25
CA TYR B 319 -6.39 2.89 -17.96
C TYR B 319 -5.36 4.02 -18.20
N PRO B 320 -5.78 5.02 -18.91
CA PRO B 320 -4.73 5.96 -19.38
C PRO B 320 -4.07 6.78 -18.23
N GLU B 321 -4.86 7.12 -17.20
CA GLU B 321 -4.35 7.92 -16.07
C GLU B 321 -3.33 7.02 -15.35
N PHE B 322 -3.71 5.78 -15.02
CA PHE B 322 -2.77 4.89 -14.36
C PHE B 322 -1.52 4.67 -15.23
N SER B 323 -1.73 4.44 -16.51
CA SER B 323 -0.63 4.14 -17.45
C SER B 323 0.42 5.28 -17.41
N ALA B 324 -0.02 6.52 -17.36
CA ALA B 324 0.93 7.63 -17.27
C ALA B 324 1.69 7.62 -15.94
N GLU B 325 0.96 7.39 -14.83
CA GLU B 325 1.59 7.27 -13.45
C GLU B 325 2.59 6.13 -13.40
N PHE B 326 2.19 4.99 -13.97
CA PHE B 326 2.93 3.76 -13.99
C PHE B 326 4.21 3.95 -14.79
N ASP B 327 4.10 4.53 -15.97
CA ASP B 327 5.27 4.76 -16.85
C ASP B 327 6.31 5.70 -16.17
N GLU B 328 5.85 6.74 -15.48
CA GLU B 328 6.73 7.69 -14.79
C GLU B 328 7.41 7.01 -13.63
N TRP B 329 6.69 6.18 -12.89
CA TRP B 329 7.25 5.46 -11.75
C TRP B 329 8.25 4.38 -12.17
N LEU B 330 7.95 3.66 -13.24
CA LEU B 330 8.90 2.67 -13.77
C LEU B 330 10.19 3.36 -14.24
N ALA B 331 10.02 4.47 -14.94
CA ALA B 331 11.19 5.16 -15.46
C ALA B 331 12.05 5.69 -14.30
N PHE B 332 11.42 6.24 -13.29
CA PHE B 332 12.11 6.69 -12.12
C PHE B 332 12.92 5.53 -11.48
N ASN B 333 12.27 4.40 -11.30
CA ASN B 333 12.99 3.26 -10.73
C ASN B 333 14.19 2.81 -11.54
N ILE B 334 14.00 2.70 -12.84
CA ILE B 334 15.05 2.15 -13.68
C ILE B 334 16.20 3.16 -13.79
N GLU B 335 15.87 4.45 -13.88
CA GLU B 335 16.90 5.51 -13.86
C GLU B 335 17.68 5.52 -12.52
N MET B 336 16.97 5.37 -11.39
CA MET B 336 17.60 5.31 -10.06
C MET B 336 18.57 4.16 -10.04
N ALA B 337 18.12 2.97 -10.42
CA ALA B 337 18.99 1.79 -10.48
C ALA B 337 20.26 2.04 -11.32
N TRP B 338 20.10 2.51 -12.53
CA TRP B 338 21.24 2.73 -13.43
C TRP B 338 22.17 3.90 -13.01
N SER B 339 21.63 4.83 -12.25
CA SER B 339 22.46 5.88 -11.66
C SER B 339 23.45 5.29 -10.61
N HIS B 340 23.22 4.04 -10.18
CA HIS B 340 24.03 3.38 -9.19
C HIS B 340 24.94 2.28 -9.76
N GLN B 341 25.06 2.21 -11.08
CA GLN B 341 25.95 1.28 -11.70
C GLN B 341 27.40 1.55 -11.29
N ASN B 342 28.18 0.48 -11.26
CA ASN B 342 29.59 0.59 -11.04
C ASN B 342 30.31 0.75 -12.38
N SER B 343 31.63 0.84 -12.33
CA SER B 343 32.39 1.11 -13.57
C SER B 343 32.39 -0.10 -14.54
N ASP B 344 31.96 -1.27 -14.10
CA ASP B 344 31.77 -2.44 -14.99
C ASP B 344 30.31 -2.58 -15.51
N HIS B 345 29.52 -1.57 -15.25
CA HIS B 345 28.15 -1.49 -15.68
C HIS B 345 27.28 -2.55 -14.99
N ILE B 346 27.57 -2.85 -13.74
CA ILE B 346 26.81 -3.78 -12.89
C ILE B 346 26.06 -2.94 -11.86
N VAL B 347 24.80 -3.31 -11.60
CA VAL B 347 23.96 -2.63 -10.64
C VAL B 347 23.48 -3.63 -9.58
N ASP B 348 23.90 -3.42 -8.32
CA ASP B 348 23.46 -4.26 -7.22
C ASP B 348 21.94 -4.05 -7.01
N GLY B 349 21.27 -5.10 -6.51
CA GLY B 349 19.84 -5.07 -6.30
C GLY B 349 19.28 -4.11 -5.27
N ASN B 350 20.12 -3.51 -4.40
CA ASN B 350 19.61 -2.50 -3.51
C ASN B 350 19.68 -1.21 -4.33
N TRP B 351 18.62 -0.96 -5.12
CA TRP B 351 18.60 0.10 -6.07
C TRP B 351 18.68 1.48 -5.43
N ALA B 352 18.27 1.61 -4.17
CA ALA B 352 18.38 2.88 -3.43
C ALA B 352 19.80 3.20 -2.93
N GLY B 353 20.75 2.26 -3.10
CA GLY B 353 22.18 2.45 -2.74
C GLY B 353 23.18 1.97 -3.86
N GLN B 354 24.51 2.06 -3.57
CA GLN B 354 25.54 1.80 -4.55
C GLN B 354 26.62 0.83 -4.12
N SER B 357 32.34 -1.18 -3.93
CA SER B 357 32.24 -2.30 -4.79
C SER B 357 32.35 -3.67 -4.02
N GLY B 358 33.43 -4.41 -4.11
CA GLY B 358 33.50 -5.76 -3.55
C GLY B 358 32.74 -6.81 -4.42
N THR B 359 32.06 -7.74 -3.80
CA THR B 359 31.48 -8.87 -4.48
C THR B 359 30.04 -8.53 -4.91
N TYR B 360 29.75 -8.79 -6.17
CA TYR B 360 28.37 -8.62 -6.67
C TYR B 360 27.75 -9.98 -6.91
N GLU B 361 26.46 -10.07 -6.74
CA GLU B 361 25.73 -11.35 -6.87
C GLU B 361 24.85 -11.34 -8.12
N SER B 362 24.80 -12.43 -8.81
CA SER B 362 24.13 -12.47 -10.12
C SER B 362 22.62 -12.31 -9.98
N TRP B 363 22.01 -12.89 -8.95
CA TRP B 363 20.56 -12.77 -8.84
C TRP B 363 20.14 -11.34 -8.48
N SER B 364 20.76 -10.76 -7.47
CA SER B 364 20.55 -9.35 -7.10
C SER B 364 20.77 -8.39 -8.30
N SER B 365 21.83 -8.64 -9.05
CA SER B 365 22.26 -7.74 -10.14
C SER B 365 21.47 -7.93 -11.43
N ALA B 366 20.73 -9.03 -11.53
CA ALA B 366 19.96 -9.28 -12.72
C ALA B 366 18.84 -8.31 -12.92
N ALA B 367 18.25 -7.80 -11.84
CA ALA B 367 16.99 -6.99 -12.02
C ALA B 367 17.24 -5.75 -12.87
N ALA B 368 18.38 -5.09 -12.71
CA ALA B 368 18.64 -3.87 -13.49
C ALA B 368 18.83 -4.19 -14.96
N VAL B 369 19.36 -5.37 -15.27
CA VAL B 369 19.56 -5.82 -16.64
C VAL B 369 18.18 -6.11 -17.26
N GLN B 370 17.36 -6.86 -16.53
CA GLN B 370 16.01 -7.13 -16.97
C GLN B 370 15.25 -5.87 -17.25
N ALA B 371 15.37 -4.88 -16.38
CA ALA B 371 14.64 -3.62 -16.54
C ALA B 371 14.95 -2.86 -17.85
N LEU B 372 16.11 -3.08 -18.42
CA LEU B 372 16.48 -2.48 -19.70
C LEU B 372 16.24 -3.36 -20.92
N ASN B 373 15.69 -4.54 -20.68
CA ASN B 373 15.42 -5.52 -21.72
C ASN B 373 13.96 -5.98 -21.70
N GLY B 374 13.05 -5.09 -21.37
CA GLY B 374 11.63 -5.51 -21.20
C GLY B 374 10.95 -5.76 -22.53
N ILE B 375 10.05 -6.83 -22.56
CA ILE B 375 9.22 -7.15 -23.79
C ILE B 375 7.71 -7.48 -23.58
O2 7K2 C . -10.29 19.35 -1.27
C2 7K2 C . -10.68 19.25 0.14
C3 7K2 C . -10.00 17.99 0.72
O3 7K2 C . -10.43 16.83 0.08
C4 7K2 C . -8.51 18.13 0.54
O4 7K2 C . -7.83 17.11 1.35
C5 7K2 C . -7.96 19.47 1.08
C6 7K2 C . -6.48 19.81 0.71
O5 7K2 C . -8.72 20.63 0.67
C1 7K2 C . -10.14 20.50 0.84
S1 7K2 C . -10.73 20.47 2.55
C6A 7K2 C . -10.30 22.10 3.10
C5A 7K2 C . -11.41 23.12 3.07
C1A 7K2 C . -12.43 22.79 4.20
N 7K2 C . -13.56 23.78 4.25
C2A 7K2 C . -13.05 25.18 4.38
C3A 7K2 C . -12.05 25.53 3.32
O3A 7K2 C . -11.57 26.87 3.61
C4A 7K2 C . -10.90 24.56 3.29
O4A 7K2 C . -9.98 24.89 2.29
C1 7K3 C . -4.76 19.57 -1.42
C5 7K3 C . -5.07 17.18 -1.71
C2 7K3 C . -4.38 19.71 -2.89
C6 7K3 C . -4.57 15.87 -1.10
O2 7K3 C . -2.91 19.61 -2.98
C3 7K3 C . -5.09 18.65 -3.75
O3 7K3 C . -4.57 18.79 -5.06
C4 7K3 C . -4.77 17.24 -3.22
O4 7K3 C . -5.51 16.20 -3.90
O6 7K3 C . -3.14 15.70 -1.29
O5 7K3 C . -4.42 18.24 -0.97
S1 7K3 C . -6.46 20.01 -1.06
O2 7K2 D . 8.52 -20.42 1.02
C2 7K2 D . 8.82 -20.36 -0.38
C3 7K2 D . 8.18 -19.12 -1.06
O3 7K2 D . 6.78 -19.15 -0.86
C4 7K2 D . 8.75 -17.87 -0.42
O4 7K2 D . 8.30 -16.69 -1.10
C5 7K2 D . 10.26 -17.91 -0.47
C6 7K2 D . 10.91 -16.82 0.46
O5 7K2 D . 10.80 -19.16 -0.05
C1 7K2 D . 10.31 -20.35 -0.65
S1 7K2 D . 10.63 -20.43 -2.43
C6A 7K2 D . 12.43 -20.63 -2.42
C5A 7K2 D . 12.90 -22.05 -2.57
C1A 7K2 D . 12.65 -22.54 -4.01
N 7K2 D . 13.14 -23.94 -4.22
C2A 7K2 D . 14.57 -24.10 -3.92
C3A 7K2 D . 14.91 -23.55 -2.52
O3A 7K2 D . 16.34 -23.67 -2.34
C4A 7K2 D . 14.43 -22.14 -2.33
O4A 7K2 D . 14.69 -21.71 -1.00
C1 7K3 D . 10.64 -15.54 2.87
C5 7K3 D . 8.32 -14.95 2.61
C2 7K3 D . 10.48 -15.56 4.40
C6 7K3 D . 7.51 -13.83 1.97
O2 7K3 D . 10.90 -14.30 4.92
C3 7K3 D . 9.06 -15.94 4.78
O3 7K3 D . 8.89 -15.89 6.19
C4 7K3 D . 8.07 -14.95 4.12
O4 7K3 D . 6.68 -15.37 4.42
O6 7K3 D . 7.84 -12.53 2.52
O5 7K3 D . 9.68 -14.64 2.32
S1 7K3 D . 10.59 -17.20 2.19
C1 EDO E . -14.64 12.44 25.78
O1 EDO E . -13.43 12.04 25.14
C2 EDO E . -15.55 13.15 24.81
O2 EDO E . -15.45 12.45 23.59
C1 EDO F . -7.03 28.96 28.72
O1 EDO F . -6.20 30.05 29.11
C2 EDO F . -7.14 28.11 29.94
O2 EDO F . -8.21 28.76 30.53
C1 EDO G . -16.83 12.00 29.76
O1 EDO G . -15.93 13.04 30.25
C2 EDO G . -16.11 10.87 29.01
O2 EDO G . -15.54 9.94 29.94
C1 EDO H . -12.00 -2.28 -3.00
O1 EDO H . -13.16 -1.57 -3.11
C2 EDO H . -11.15 -1.37 -2.15
O2 EDO H . -11.52 -1.59 -0.79
C1 EDO I . -13.89 8.26 17.08
O1 EDO I . -13.43 7.55 16.00
C2 EDO I . -15.31 7.72 17.15
O2 EDO I . -15.28 6.36 17.55
C1 EDO J . -2.52 36.40 9.73
O1 EDO J . -2.78 35.14 10.46
C2 EDO J . -1.15 36.90 10.21
O2 EDO J . -0.07 36.02 9.70
C1 EDO K . 9.83 -16.56 -25.99
O1 EDO K . 8.80 -16.62 -25.08
C2 EDO K . 9.60 -15.29 -26.79
O2 EDO K . 9.68 -14.11 -25.94
C1 EDO L . -1.63 4.30 -8.14
O1 EDO L . -0.77 4.85 -9.19
C2 EDO L . -2.01 5.34 -7.08
O2 EDO L . -2.92 4.85 -5.98
C1 EDO M . 9.15 -7.91 0.95
O1 EDO M . 10.06 -7.53 1.97
C2 EDO M . 8.17 -6.81 0.55
O2 EDO M . 8.68 -6.02 -0.63
C1 EDO N . 36.00 -24.13 -14.39
O1 EDO N . 36.20 -24.85 -15.54
C2 EDO N . 34.61 -23.60 -14.11
O2 EDO N . 33.56 -24.28 -14.70
C1 EDO O . 27.27 -15.40 -24.41
O1 EDO O . 28.06 -15.56 -25.54
C2 EDO O . 28.16 -15.51 -23.27
O2 EDO O . 29.04 -14.39 -23.23
C1 EDO P . 2.46 -15.82 -20.08
O1 EDO P . 1.42 -14.98 -20.69
C2 EDO P . 3.44 -14.86 -19.36
O2 EDO P . 2.58 -14.50 -18.33
C1 EDO Q . 8.03 8.64 -8.15
O1 EDO Q . 7.96 8.27 -6.76
C2 EDO Q . 6.98 7.81 -8.89
O2 EDO Q . 6.61 8.50 -10.10
C1 EDO R . 10.09 -20.17 4.39
O1 EDO R . 10.18 -20.87 3.12
C2 EDO R . 8.63 -19.99 4.69
O2 EDO R . 8.09 -21.27 5.03
C1 EDO S . 2.19 -15.83 -24.86
O1 EDO S . 3.04 -16.82 -25.32
C2 EDO S . 1.79 -16.32 -23.52
O2 EDO S . 1.07 -15.29 -22.83
#